data_1T3I
#
_entry.id   1T3I
#
_cell.length_a   88.386
_cell.length_b   89.308
_cell.length_c   141.815
_cell.angle_alpha   90.00
_cell.angle_beta   90.00
_cell.angle_gamma   90.00
#
_symmetry.space_group_name_H-M   'P 21 21 21'
#
loop_
_entity.id
_entity.type
_entity.pdbx_description
1 polymer 'Probable cysteine desulfurase'
2 branched beta-D-fructofuranose-(2-1)-3-O-octanoyl-alpha-D-glucopyranose
3 non-polymer "PYRIDOXAL-5'-PHOSPHATE"
4 non-polymer GLYCEROL
5 water water
#
_entity_poly.entity_id   1
_entity_poly.type   'polypeptide(L)'
_entity_poly.pdbx_seq_one_letter_code
;MVALQIPSLAATVRQDFPILNQEINGHPLVYLDNAATSQKPRAVLEKLMHYYENDNANVHRGAHQLSVRATDAYEAVRNK
VAKFINARSPREIVYTRNATEAINLVAYSWGMNNLKAGDEIITTVMEHHSNLVPWQMVAAKTGAVLKFVQLDEQESFDLE
HFKTLLSEKTKLVTVVHISNTLGCVNPAEEIAQLAHQAGAKVLVDACQSAPHYPLDVQLIDCDWLVASGHKMCAPTGIGF
LYGKEEILEAMPPFFGGGEMIAEVFFDHFTTGELPHKFEAGTPAIAEAIALGAAVDYLTDLGMENIHNYEVELTHYLWQG
LGQIPQLRLYGPNPKHGDRAALASFNVAGLHASDVATMVDQDGIAIRSGHHCTQPLHRLFDASGSARASLYFYNTKEEID
LFLQSLQATIRFFSDDDFTV
;
_entity_poly.pdbx_strand_id   A,B
#
# COMPACT_ATOMS: atom_id res chain seq x y z
N PRO A 7 20.51 8.14 32.81
CA PRO A 7 20.62 7.58 31.44
C PRO A 7 19.76 8.34 30.44
N SER A 8 20.33 8.64 29.27
CA SER A 8 19.61 9.35 28.23
C SER A 8 18.43 8.54 27.72
N LEU A 9 17.49 9.21 27.06
CA LEU A 9 16.33 8.52 26.51
C LEU A 9 16.78 7.41 25.57
N ALA A 10 17.78 7.70 24.76
CA ALA A 10 18.30 6.72 23.81
C ALA A 10 18.83 5.50 24.54
N ALA A 11 19.61 5.74 25.58
CA ALA A 11 20.19 4.65 26.36
C ALA A 11 19.13 3.69 26.88
N THR A 12 17.96 4.22 27.22
CA THR A 12 16.88 3.39 27.76
C THR A 12 16.11 2.60 26.71
N VAL A 13 16.20 2.99 25.44
CA VAL A 13 15.44 2.28 24.39
C VAL A 13 16.25 1.60 23.28
N ARG A 14 17.54 1.90 23.16
CA ARG A 14 18.33 1.29 22.10
C ARG A 14 18.24 -0.24 22.06
N GLN A 15 18.05 -0.87 23.21
CA GLN A 15 17.96 -2.32 23.26
C GLN A 15 16.68 -2.80 22.57
N ASP A 16 15.76 -1.88 22.33
CA ASP A 16 14.49 -2.20 21.67
C ASP A 16 14.61 -2.32 20.16
N PHE A 17 15.72 -1.80 19.61
CA PHE A 17 15.92 -1.83 18.16
C PHE A 17 17.06 -2.78 17.77
N PRO A 18 16.72 -4.00 17.39
CA PRO A 18 17.75 -4.98 17.01
C PRO A 18 18.69 -4.60 15.86
N ILE A 19 18.21 -3.80 14.92
CA ILE A 19 19.05 -3.42 13.79
C ILE A 19 20.25 -2.57 14.17
N LEU A 20 20.14 -1.87 15.30
CA LEU A 20 21.23 -1.00 15.76
C LEU A 20 22.45 -1.78 16.22
N ASN A 21 22.25 -3.03 16.59
CA ASN A 21 23.34 -3.87 17.07
C ASN A 21 24.02 -4.67 15.98
N GLN A 22 24.81 -3.98 15.16
CA GLN A 22 25.53 -4.63 14.08
C GLN A 22 26.69 -3.75 13.63
N GLU A 23 27.62 -4.34 12.90
CA GLU A 23 28.78 -3.60 12.41
C GLU A 23 28.76 -3.41 10.90
N ILE A 24 29.25 -2.24 10.48
CA ILE A 24 29.32 -1.89 9.08
C ILE A 24 30.77 -1.52 8.76
N ASN A 25 31.33 -2.18 7.74
CA ASN A 25 32.71 -1.93 7.34
C ASN A 25 33.70 -1.93 8.50
N GLY A 26 33.47 -2.83 9.45
CA GLY A 26 34.36 -2.95 10.60
C GLY A 26 34.07 -2.02 11.76
N HIS A 27 33.00 -1.22 11.67
CA HIS A 27 32.66 -0.31 12.75
C HIS A 27 31.20 -0.45 13.15
N PRO A 28 30.87 -0.10 14.39
CA PRO A 28 29.48 -0.20 14.83
C PRO A 28 28.61 0.75 14.00
N LEU A 29 27.43 0.27 13.59
CA LEU A 29 26.53 1.08 12.79
C LEU A 29 26.13 2.37 13.50
N VAL A 30 26.14 3.46 12.75
CA VAL A 30 25.72 4.76 13.26
C VAL A 30 24.71 5.21 12.20
N TYR A 31 23.43 4.94 12.49
CA TYR A 31 22.36 5.27 11.54
C TYR A 31 21.84 6.70 11.70
N LEU A 32 22.26 7.55 10.78
CA LEU A 32 21.85 8.96 10.80
C LEU A 32 21.10 9.33 9.53
N ASP A 33 20.22 8.45 9.08
CA ASP A 33 19.41 8.70 7.89
C ASP A 33 17.94 8.45 8.23
N ASN A 34 17.57 8.89 9.41
CA ASN A 34 16.21 8.72 9.92
C ASN A 34 15.15 9.54 9.19
N ALA A 35 15.57 10.61 8.52
CA ALA A 35 14.62 11.42 7.77
C ALA A 35 14.19 10.63 6.54
N ALA A 36 15.02 9.67 6.12
CA ALA A 36 14.69 8.83 4.96
C ALA A 36 13.74 7.73 5.43
N THR A 37 14.11 7.07 6.51
CA THR A 37 13.24 6.04 7.08
C THR A 37 13.75 5.68 8.46
N SER A 38 12.84 5.27 9.34
CA SER A 38 13.20 4.94 10.72
C SER A 38 13.38 3.45 10.95
N GLN A 39 14.00 3.10 12.08
CA GLN A 39 14.20 1.70 12.41
C GLN A 39 13.03 1.27 13.30
N LYS A 40 12.82 -0.03 13.45
CA LYS A 40 11.68 -0.52 14.22
C LYS A 40 12.01 -1.19 15.55
N PRO A 41 11.18 -0.95 16.58
CA PRO A 41 11.41 -1.57 17.89
C PRO A 41 10.78 -2.97 17.90
N ARG A 42 11.24 -3.84 18.80
CA ARG A 42 10.72 -5.19 18.88
C ARG A 42 9.21 -5.21 19.05
N ALA A 43 8.67 -4.26 19.81
CA ALA A 43 7.24 -4.18 20.05
C ALA A 43 6.48 -4.21 18.71
N VAL A 44 6.99 -3.47 17.74
CA VAL A 44 6.36 -3.40 16.43
C VAL A 44 6.55 -4.69 15.63
N LEU A 45 7.78 -5.18 15.57
CA LEU A 45 8.08 -6.40 14.83
C LEU A 45 7.38 -7.63 15.41
N GLU A 46 7.29 -7.72 16.73
CA GLU A 46 6.63 -8.86 17.36
C GLU A 46 5.12 -8.80 17.10
N LYS A 47 4.59 -7.59 16.98
CA LYS A 47 3.15 -7.42 16.71
C LYS A 47 2.87 -7.95 15.31
N LEU A 48 3.78 -7.67 14.40
CA LEU A 48 3.69 -8.09 13.01
C LEU A 48 3.78 -9.63 12.96
N MET A 49 4.80 -10.18 13.60
CA MET A 49 4.98 -11.63 13.61
C MET A 49 3.82 -12.34 14.30
N HIS A 50 3.37 -11.81 15.43
CA HIS A 50 2.27 -12.45 16.15
C HIS A 50 1.02 -12.53 15.28
N TYR A 51 0.73 -11.44 14.57
CA TYR A 51 -0.44 -11.42 13.70
C TYR A 51 -0.35 -12.51 12.64
N TYR A 52 0.77 -12.56 11.92
CA TYR A 52 0.92 -13.56 10.86
C TYR A 52 0.99 -15.00 11.36
N GLU A 53 1.46 -15.18 12.59
CA GLU A 53 1.58 -16.53 13.14
C GLU A 53 0.35 -17.01 13.91
N ASN A 54 -0.56 -16.10 14.24
CA ASN A 54 -1.74 -16.48 15.01
C ASN A 54 -3.11 -16.01 14.56
N ASP A 55 -3.19 -14.78 14.06
CA ASP A 55 -4.49 -14.21 13.70
C ASP A 55 -4.83 -13.91 12.25
N ASN A 56 -3.85 -14.03 11.36
CA ASN A 56 -4.08 -13.69 9.96
C ASN A 56 -5.36 -14.27 9.34
N ALA A 57 -6.22 -13.37 8.88
CA ALA A 57 -7.49 -13.72 8.24
C ALA A 57 -8.01 -12.40 7.68
N ASN A 58 -8.92 -12.44 6.71
CA ASN A 58 -9.41 -11.17 6.20
C ASN A 58 -10.35 -10.58 7.25
N VAL A 59 -10.45 -9.26 7.25
CA VAL A 59 -11.29 -8.58 8.22
C VAL A 59 -12.66 -8.23 7.63
N GLY A 62 -15.89 -11.26 9.40
CA GLY A 62 -15.95 -12.74 9.23
C GLY A 62 -16.55 -13.43 10.43
N ALA A 63 -17.10 -14.62 10.21
CA ALA A 63 -17.73 -15.37 11.29
C ALA A 63 -16.73 -16.19 12.10
N HIS A 64 -15.69 -16.71 11.46
CA HIS A 64 -14.73 -17.54 12.19
C HIS A 64 -13.81 -16.76 13.13
N GLN A 65 -13.32 -17.47 14.14
CA GLN A 65 -12.48 -16.89 15.19
C GLN A 65 -11.28 -16.07 14.72
N LEU A 66 -10.52 -16.58 13.75
CA LEU A 66 -9.37 -15.83 13.27
C LEU A 66 -9.77 -14.48 12.69
N SER A 67 -10.87 -14.47 11.94
CA SER A 67 -11.36 -13.24 11.35
C SER A 67 -11.77 -12.26 12.46
N VAL A 68 -12.38 -12.78 13.52
CA VAL A 68 -12.80 -11.93 14.63
C VAL A 68 -11.57 -11.31 15.28
N ARG A 69 -10.58 -12.14 15.56
CA ARG A 69 -9.34 -11.67 16.17
C ARG A 69 -8.60 -10.68 15.27
N ALA A 70 -8.52 -10.98 13.99
CA ALA A 70 -7.85 -10.08 13.06
C ALA A 70 -8.62 -8.77 12.95
N THR A 71 -9.95 -8.86 12.91
CA THR A 71 -10.78 -7.67 12.80
C THR A 71 -10.73 -6.77 14.04
N ASP A 72 -10.77 -7.36 15.23
CA ASP A 72 -10.70 -6.56 16.44
C ASP A 72 -9.36 -5.82 16.50
N ALA A 73 -8.28 -6.53 16.22
CA ALA A 73 -6.96 -5.93 16.26
C ALA A 73 -6.85 -4.79 15.24
N TYR A 74 -7.32 -5.05 14.03
CA TYR A 74 -7.26 -4.06 12.96
C TYR A 74 -8.11 -2.81 13.22
N GLU A 75 -9.35 -3.02 13.64
CA GLU A 75 -10.24 -1.90 13.91
C GLU A 75 -9.78 -1.00 15.06
N ALA A 76 -9.01 -1.56 15.99
CA ALA A 76 -8.51 -0.80 17.14
C ALA A 76 -7.48 0.26 16.75
N VAL A 77 -6.81 0.05 15.62
CA VAL A 77 -5.77 0.98 15.18
C VAL A 77 -6.25 2.40 14.86
N ARG A 78 -7.38 2.52 14.18
CA ARG A 78 -7.86 3.84 13.79
C ARG A 78 -7.95 4.86 14.92
N ASN A 79 -8.44 4.45 16.08
CA ASN A 79 -8.54 5.40 17.18
C ASN A 79 -7.18 5.70 17.78
N LYS A 80 -6.24 4.75 17.67
CA LYS A 80 -4.90 4.98 18.18
C LYS A 80 -4.28 6.13 17.37
N VAL A 81 -4.50 6.10 16.07
CA VAL A 81 -3.97 7.13 15.18
C VAL A 81 -4.69 8.46 15.40
N ALA A 82 -6.01 8.40 15.52
CA ALA A 82 -6.79 9.61 15.74
C ALA A 82 -6.33 10.33 17.01
N LYS A 83 -6.15 9.58 18.09
CA LYS A 83 -5.69 10.16 19.35
C LYS A 83 -4.26 10.68 19.26
N PHE A 84 -3.43 10.00 18.48
CA PHE A 84 -2.03 10.39 18.31
C PHE A 84 -1.92 11.80 17.75
N ILE A 85 -2.81 12.18 16.82
CA ILE A 85 -2.77 13.51 16.22
C ILE A 85 -3.93 14.39 16.70
N ASN A 86 -4.64 13.92 17.72
CA ASN A 86 -5.78 14.63 18.31
C ASN A 86 -6.90 14.93 17.32
N ALA A 87 -7.19 13.98 16.43
CA ALA A 87 -8.27 14.16 15.46
C ALA A 87 -9.58 14.08 16.24
N ARG A 88 -10.61 14.77 15.77
CA ARG A 88 -11.90 14.75 16.46
C ARG A 88 -12.56 13.37 16.39
N SER A 89 -12.37 12.66 15.28
CA SER A 89 -12.96 11.35 15.11
C SER A 89 -12.11 10.40 14.29
N PRO A 90 -12.12 9.10 14.62
CA PRO A 90 -11.32 8.14 13.84
C PRO A 90 -11.83 8.06 12.41
N ARG A 91 -13.05 8.57 12.18
CA ARG A 91 -13.64 8.58 10.85
C ARG A 91 -12.86 9.53 9.96
N GLU A 92 -12.01 10.35 10.58
CA GLU A 92 -11.21 11.33 9.84
C GLU A 92 -9.85 10.78 9.42
N ILE A 93 -9.61 9.51 9.74
CA ILE A 93 -8.35 8.85 9.40
C ILE A 93 -8.54 7.86 8.26
N VAL A 94 -7.74 8.01 7.21
CA VAL A 94 -7.79 7.13 6.05
C VAL A 94 -6.43 6.50 5.82
N TYR A 95 -6.37 5.17 5.80
CA TYR A 95 -5.10 4.49 5.58
C TYR A 95 -4.69 4.51 4.12
N THR A 96 -3.39 4.70 3.88
CA THR A 96 -2.84 4.71 2.53
C THR A 96 -1.55 3.88 2.58
N ARG A 97 -0.88 3.72 1.44
CA ARG A 97 0.36 2.95 1.40
C ARG A 97 1.47 3.80 2.01
N ASN A 98 1.41 5.09 1.68
CA ASN A 98 2.39 6.06 2.19
C ASN A 98 1.79 7.46 2.14
N ALA A 99 2.55 8.44 2.61
CA ALA A 99 2.08 9.82 2.61
C ALA A 99 1.86 10.30 1.19
N THR A 100 2.70 9.83 0.27
CA THR A 100 2.57 10.23 -1.12
C THR A 100 1.19 9.86 -1.64
N GLU A 101 0.73 8.64 -1.37
CA GLU A 101 -0.60 8.24 -1.83
C GLU A 101 -1.65 9.14 -1.20
N ALA A 102 -1.46 9.48 0.07
CA ALA A 102 -2.40 10.34 0.78
C ALA A 102 -2.52 11.71 0.11
N ILE A 103 -1.40 12.28 -0.32
CA ILE A 103 -1.43 13.57 -0.99
C ILE A 103 -2.13 13.43 -2.34
N ASN A 104 -1.84 12.35 -3.06
CA ASN A 104 -2.46 12.11 -4.35
C ASN A 104 -3.97 11.92 -4.21
N LEU A 105 -4.40 11.30 -3.11
CA LEU A 105 -5.83 11.10 -2.88
C LEU A 105 -6.50 12.48 -2.81
N VAL A 106 -5.92 13.38 -2.03
CA VAL A 106 -6.50 14.71 -1.92
C VAL A 106 -6.46 15.44 -3.26
N ALA A 107 -5.33 15.32 -3.96
CA ALA A 107 -5.18 15.98 -5.25
C ALA A 107 -6.21 15.51 -6.28
N TYR A 108 -6.39 14.20 -6.38
CA TYR A 108 -7.33 13.63 -7.33
C TYR A 108 -8.80 13.78 -6.95
N SER A 109 -9.13 13.51 -5.69
CA SER A 109 -10.51 13.61 -5.22
C SER A 109 -10.96 15.05 -5.00
N TRP A 110 -10.20 15.82 -4.23
CA TRP A 110 -10.56 17.20 -3.96
C TRP A 110 -10.03 18.16 -5.02
N GLY A 111 -8.72 18.11 -5.26
CA GLY A 111 -8.10 19.01 -6.24
C GLY A 111 -8.72 19.05 -7.62
N MET A 112 -8.77 17.90 -8.30
CA MET A 112 -9.32 17.83 -9.64
C MET A 112 -10.78 18.30 -9.73
N ASN A 113 -11.50 18.22 -8.62
CA ASN A 113 -12.90 18.61 -8.61
C ASN A 113 -13.25 19.95 -7.97
N ASN A 114 -12.29 20.61 -7.35
CA ASN A 114 -12.57 21.90 -6.71
C ASN A 114 -11.73 23.07 -7.22
N LEU A 115 -10.78 22.78 -8.10
CA LEU A 115 -9.94 23.85 -8.64
C LEU A 115 -10.26 24.09 -10.11
N LYS A 116 -10.45 25.37 -10.44
CA LYS A 116 -10.77 25.76 -11.81
C LYS A 116 -9.67 26.64 -12.37
N ALA A 117 -9.71 26.88 -13.68
CA ALA A 117 -8.71 27.72 -14.33
C ALA A 117 -8.57 29.05 -13.61
N GLY A 118 -7.32 29.42 -13.33
CA GLY A 118 -7.08 30.68 -12.65
C GLY A 118 -6.94 30.56 -11.14
N ASP A 119 -7.55 29.53 -10.56
CA ASP A 119 -7.46 29.32 -9.12
C ASP A 119 -6.00 29.17 -8.75
N GLU A 120 -5.64 29.68 -7.58
CA GLU A 120 -4.25 29.61 -7.16
C GLU A 120 -3.98 28.65 -6.01
N ILE A 121 -2.87 27.94 -6.12
CA ILE A 121 -2.45 27.01 -5.10
C ILE A 121 -1.14 27.56 -4.58
N ILE A 122 -1.07 27.80 -3.29
CA ILE A 122 0.16 28.32 -2.71
C ILE A 122 0.93 27.19 -2.03
N THR A 123 2.18 27.02 -2.43
CA THR A 123 3.01 26.02 -1.80
C THR A 123 4.34 26.71 -1.50
N THR A 124 5.41 25.96 -1.22
CA THR A 124 6.68 26.59 -0.89
C THR A 124 7.82 26.08 -1.75
N VAL A 125 8.93 26.83 -1.76
CA VAL A 125 10.08 26.41 -2.56
C VAL A 125 10.80 25.21 -1.98
N MET A 126 10.49 24.87 -0.73
CA MET A 126 11.16 23.75 -0.05
C MET A 126 10.43 22.41 -0.11
N GLU A 127 9.28 22.36 -0.73
CA GLU A 127 8.50 21.12 -0.78
C GLU A 127 9.18 19.87 -1.32
N HIS A 128 8.77 18.74 -0.74
CA HIS A 128 9.23 17.41 -1.14
C HIS A 128 8.47 17.18 -2.44
N HIS A 129 9.04 16.40 -3.36
CA HIS A 129 8.40 16.13 -4.63
C HIS A 129 6.98 15.60 -4.48
N SER A 130 6.72 14.82 -3.44
CA SER A 130 5.40 14.27 -3.25
C SER A 130 4.32 15.31 -2.93
N ASN A 131 4.74 16.49 -2.46
CA ASN A 131 3.76 17.54 -2.20
C ASN A 131 3.92 18.66 -3.22
N LEU A 132 4.43 18.31 -4.39
CA LEU A 132 4.59 19.28 -5.47
C LEU A 132 4.03 18.67 -6.77
N VAL A 133 4.57 17.52 -7.16
CA VAL A 133 4.15 16.87 -8.38
C VAL A 133 2.63 16.67 -8.49
N PRO A 134 1.98 16.16 -7.43
CA PRO A 134 0.53 15.98 -7.53
C PRO A 134 -0.19 17.27 -7.89
N TRP A 135 0.31 18.38 -7.37
CA TRP A 135 -0.29 19.68 -7.63
C TRP A 135 0.02 20.18 -9.04
N GLN A 136 1.20 19.82 -9.54
CA GLN A 136 1.55 20.17 -10.91
C GLN A 136 0.64 19.37 -11.85
N MET A 137 0.25 18.16 -11.43
CA MET A 137 -0.64 17.34 -12.24
C MET A 137 -2.03 17.98 -12.24
N VAL A 138 -2.46 18.42 -11.06
CA VAL A 138 -3.77 19.07 -10.91
C VAL A 138 -3.80 20.36 -11.73
N ALA A 139 -2.75 21.16 -11.59
CA ALA A 139 -2.67 22.43 -12.32
C ALA A 139 -2.78 22.19 -13.82
N ALA A 140 -2.04 21.21 -14.32
CA ALA A 140 -2.03 20.88 -15.73
C ALA A 140 -3.42 20.49 -16.25
N LYS A 141 -4.21 19.84 -15.41
CA LYS A 141 -5.54 19.40 -15.81
C LYS A 141 -6.66 20.41 -15.54
N THR A 142 -6.50 21.24 -14.52
CA THR A 142 -7.55 22.22 -14.18
C THR A 142 -7.27 23.66 -14.57
N GLY A 143 -6.04 23.99 -14.89
CA GLY A 143 -5.71 25.36 -15.23
C GLY A 143 -5.33 26.14 -13.99
N ALA A 144 -5.35 25.48 -12.83
CA ALA A 144 -4.96 26.14 -11.58
C ALA A 144 -3.51 26.56 -11.72
N VAL A 145 -3.08 27.55 -10.95
CA VAL A 145 -1.70 28.02 -11.03
C VAL A 145 -1.02 27.96 -9.67
N LEU A 146 0.27 27.60 -9.68
CA LEU A 146 1.03 27.50 -8.45
C LEU A 146 1.88 28.73 -8.14
N LYS A 147 1.93 29.10 -6.87
CA LYS A 147 2.73 30.22 -6.39
C LYS A 147 3.59 29.63 -5.26
N PHE A 148 4.81 30.12 -5.13
CA PHE A 148 5.74 29.59 -4.14
C PHE A 148 6.23 30.56 -3.08
N VAL A 149 6.10 30.18 -1.82
CA VAL A 149 6.57 31.00 -0.72
C VAL A 149 8.09 30.86 -0.69
N GLN A 150 8.78 32.00 -0.64
CA GLN A 150 10.24 32.03 -0.62
C GLN A 150 10.80 31.79 0.78
N LEU A 151 12.11 31.62 0.88
CA LEU A 151 12.76 31.42 2.17
C LEU A 151 13.13 32.78 2.74
N ASP A 152 13.09 32.91 4.06
CA ASP A 152 13.45 34.18 4.69
C ASP A 152 14.93 34.18 5.03
N GLU A 153 15.38 35.21 5.75
CA GLU A 153 16.79 35.31 6.12
C GLU A 153 17.31 34.12 6.93
N GLN A 154 16.43 33.43 7.64
CA GLN A 154 16.85 32.26 8.41
C GLN A 154 16.60 30.97 7.65
N GLU A 155 16.53 31.07 6.33
CA GLU A 155 16.30 29.92 5.46
C GLU A 155 15.12 29.08 5.96
N SER A 156 14.04 29.80 6.24
CA SER A 156 12.80 29.21 6.74
C SER A 156 11.62 29.83 5.99
N PHE A 157 10.42 29.40 6.35
CA PHE A 157 9.18 29.89 5.72
C PHE A 157 9.07 31.41 5.87
N ASP A 158 8.96 32.12 4.75
CA ASP A 158 8.83 33.58 4.79
C ASP A 158 7.35 33.91 4.97
N LEU A 159 6.94 34.13 6.21
CA LEU A 159 5.56 34.43 6.51
C LEU A 159 5.04 35.71 5.86
N GLU A 160 5.87 36.74 5.81
CA GLU A 160 5.43 37.98 5.19
C GLU A 160 5.23 37.79 3.70
N HIS A 161 6.15 37.07 3.06
CA HIS A 161 6.01 36.83 1.62
C HIS A 161 4.73 36.04 1.38
N PHE A 162 4.47 35.06 2.24
CA PHE A 162 3.27 34.24 2.13
C PHE A 162 2.03 35.14 2.12
N LYS A 163 2.00 36.12 3.02
CA LYS A 163 0.87 37.03 3.10
C LYS A 163 0.65 37.78 1.79
N THR A 164 1.74 38.12 1.10
CA THR A 164 1.62 38.85 -0.17
C THR A 164 1.07 37.96 -1.29
N LEU A 165 1.20 36.65 -1.15
CA LEU A 165 0.70 35.73 -2.17
C LEU A 165 -0.79 35.48 -2.07
N LEU A 166 -1.34 35.65 -0.87
CA LEU A 166 -2.77 35.43 -0.66
C LEU A 166 -3.59 36.44 -1.47
N SER A 167 -4.63 35.94 -2.13
CA SER A 167 -5.50 36.81 -2.92
C SER A 167 -6.90 36.22 -3.00
N GLU A 168 -7.75 36.83 -3.82
CA GLU A 168 -9.12 36.35 -3.98
C GLU A 168 -9.13 35.02 -4.70
N LYS A 169 -8.03 34.71 -5.39
CA LYS A 169 -7.90 33.48 -6.16
C LYS A 169 -7.35 32.29 -5.37
N THR A 170 -6.81 32.54 -4.19
CA THR A 170 -6.24 31.46 -3.38
C THR A 170 -7.31 30.45 -2.95
N LYS A 171 -7.19 29.22 -3.42
CA LYS A 171 -8.16 28.19 -3.06
C LYS A 171 -7.51 27.06 -2.25
N LEU A 172 -6.20 26.94 -2.36
CA LEU A 172 -5.48 25.89 -1.64
C LEU A 172 -4.08 26.31 -1.23
N VAL A 173 -3.72 25.94 -0.01
CA VAL A 173 -2.40 26.19 0.53
C VAL A 173 -1.90 24.82 0.97
N THR A 174 -0.83 24.35 0.37
CA THR A 174 -0.28 23.05 0.76
C THR A 174 1.17 23.28 1.11
N VAL A 175 1.51 22.96 2.35
CA VAL A 175 2.85 23.20 2.83
C VAL A 175 3.39 22.09 3.71
N VAL A 176 4.71 21.96 3.71
CA VAL A 176 5.34 20.95 4.55
C VAL A 176 5.32 21.50 5.97
N HIS A 177 5.13 20.63 6.96
CA HIS A 177 5.10 21.07 8.35
C HIS A 177 6.55 21.35 8.75
N ILE A 178 7.39 20.33 8.63
CA ILE A 178 8.80 20.44 8.93
C ILE A 178 9.56 19.94 7.70
N SER A 179 10.46 20.77 7.18
CA SER A 179 11.24 20.42 5.99
C SER A 179 12.24 19.29 6.21
N ASN A 180 12.27 18.34 5.28
CA ASN A 180 13.21 17.22 5.38
C ASN A 180 14.60 17.61 4.92
N THR A 181 14.76 18.86 4.50
CA THR A 181 16.07 19.34 4.06
C THR A 181 16.52 20.51 4.94
N LEU A 182 15.74 21.57 4.97
CA LEU A 182 16.07 22.75 5.75
C LEU A 182 15.86 22.53 7.25
N GLY A 183 14.92 21.66 7.58
CA GLY A 183 14.63 21.38 8.97
C GLY A 183 13.82 22.46 9.66
N CYS A 184 13.38 23.45 8.90
CA CYS A 184 12.59 24.53 9.51
C CYS A 184 11.17 24.06 9.82
N VAL A 185 10.64 24.51 10.94
CA VAL A 185 9.29 24.17 11.35
C VAL A 185 8.40 25.29 10.85
N ASN A 186 7.53 25.00 9.90
CA ASN A 186 6.66 26.04 9.37
C ASN A 186 5.48 26.31 10.29
N PRO A 187 5.06 27.58 10.38
CA PRO A 187 3.94 28.04 11.22
C PRO A 187 2.58 27.56 10.72
N ALA A 188 2.38 26.24 10.80
CA ALA A 188 1.15 25.60 10.35
C ALA A 188 -0.14 26.24 10.84
N GLU A 189 -0.24 26.48 12.14
CA GLU A 189 -1.44 27.09 12.71
C GLU A 189 -1.72 28.48 12.12
N GLU A 190 -0.73 29.36 12.13
CA GLU A 190 -0.95 30.69 11.59
C GLU A 190 -1.20 30.65 10.09
N ILE A 191 -0.50 29.76 9.40
CA ILE A 191 -0.69 29.63 7.95
C ILE A 191 -2.14 29.24 7.68
N ALA A 192 -2.68 28.34 8.49
CA ALA A 192 -4.06 27.89 8.32
C ALA A 192 -5.04 29.03 8.60
N GLN A 193 -4.73 29.82 9.62
CA GLN A 193 -5.58 30.95 10.00
C GLN A 193 -5.68 31.94 8.84
N LEU A 194 -4.53 32.32 8.30
CA LEU A 194 -4.49 33.26 7.18
C LEU A 194 -5.14 32.68 5.93
N ALA A 195 -4.89 31.40 5.66
CA ALA A 195 -5.46 30.75 4.49
C ALA A 195 -6.99 30.72 4.58
N HIS A 196 -7.50 30.31 5.73
CA HIS A 196 -8.93 30.23 5.95
C HIS A 196 -9.61 31.60 5.87
N GLN A 197 -8.88 32.63 6.29
CA GLN A 197 -9.43 33.98 6.23
C GLN A 197 -9.58 34.37 4.77
N ALA A 198 -8.66 33.87 3.93
CA ALA A 198 -8.69 34.14 2.50
C ALA A 198 -9.69 33.23 1.79
N GLY A 199 -10.22 32.25 2.52
CA GLY A 199 -11.19 31.33 1.95
C GLY A 199 -10.59 30.09 1.29
N ALA A 200 -9.34 29.78 1.64
CA ALA A 200 -8.68 28.61 1.05
C ALA A 200 -8.62 27.44 2.02
N LYS A 201 -8.33 26.25 1.47
CA LYS A 201 -8.20 25.04 2.27
C LYS A 201 -6.69 24.81 2.48
N VAL A 202 -6.33 24.10 3.55
CA VAL A 202 -4.93 23.88 3.85
C VAL A 202 -4.54 22.41 4.07
N LEU A 203 -3.51 21.97 3.37
CA LEU A 203 -3.02 20.61 3.54
C LEU A 203 -1.63 20.73 4.13
N VAL A 204 -1.36 19.92 5.16
CA VAL A 204 -0.06 19.95 5.81
C VAL A 204 0.64 18.59 5.63
N ASP A 205 1.85 18.64 5.08
CA ASP A 205 2.67 17.44 4.87
C ASP A 205 3.48 17.27 6.15
N ALA A 206 3.00 16.40 7.04
CA ALA A 206 3.64 16.18 8.32
C ALA A 206 4.53 14.95 8.43
N CYS A 207 5.10 14.52 7.31
CA CYS A 207 5.96 13.34 7.34
C CYS A 207 7.13 13.48 8.29
N GLN A 208 7.65 14.69 8.44
CA GLN A 208 8.78 14.90 9.33
C GLN A 208 8.37 15.35 10.72
N SER A 209 7.11 15.70 10.92
CA SER A 209 6.67 16.10 12.25
C SER A 209 5.99 14.97 13.01
N ALA A 210 5.18 14.17 12.32
CA ALA A 210 4.48 13.06 12.95
C ALA A 210 5.38 12.15 13.80
N PRO A 211 6.60 11.87 13.31
CA PRO A 211 7.50 10.99 14.07
C PRO A 211 8.26 11.63 15.22
N HIS A 212 8.42 12.95 15.18
CA HIS A 212 9.24 13.66 16.17
C HIS A 212 8.61 14.76 17.00
N TYR A 213 7.48 15.29 16.53
CA TYR A 213 6.86 16.45 17.13
C TYR A 213 5.40 16.20 17.54
N PRO A 214 5.01 16.60 18.77
CA PRO A 214 3.63 16.39 19.19
C PRO A 214 2.69 17.04 18.18
N LEU A 215 1.72 16.28 17.68
CA LEU A 215 0.78 16.79 16.69
C LEU A 215 -0.63 16.98 17.21
N ASP A 216 -1.21 18.13 16.91
CA ASP A 216 -2.57 18.43 17.32
C ASP A 216 -3.26 19.08 16.13
N VAL A 217 -4.00 18.28 15.36
CA VAL A 217 -4.67 18.80 14.18
C VAL A 217 -5.80 19.80 14.48
N GLN A 218 -6.40 19.71 15.66
CA GLN A 218 -7.47 20.64 16.01
C GLN A 218 -6.84 21.99 16.31
N LEU A 219 -5.63 21.97 16.86
CA LEU A 219 -4.91 23.21 17.17
C LEU A 219 -4.38 23.91 15.92
N ILE A 220 -3.74 23.17 15.01
CA ILE A 220 -3.23 23.80 13.81
C ILE A 220 -4.37 24.08 12.84
N ASP A 221 -5.47 23.35 13.04
CA ASP A 221 -6.68 23.51 12.24
C ASP A 221 -6.48 23.29 10.74
N CYS A 222 -5.59 22.37 10.38
CA CYS A 222 -5.35 22.06 8.98
C CYS A 222 -6.56 21.27 8.48
N ASP A 223 -6.85 21.39 7.19
CA ASP A 223 -7.99 20.66 6.61
C ASP A 223 -7.61 19.21 6.31
N TRP A 224 -6.35 19.00 5.96
CA TRP A 224 -5.82 17.65 5.70
C TRP A 224 -4.40 17.62 6.22
N LEU A 225 -3.93 16.44 6.57
CA LEU A 225 -2.56 16.24 7.04
C LEU A 225 -2.18 14.84 6.61
N VAL A 226 -0.93 14.66 6.17
CA VAL A 226 -0.47 13.34 5.74
C VAL A 226 0.80 12.96 6.48
N ALA A 227 1.00 11.65 6.65
CA ALA A 227 2.18 11.14 7.33
C ALA A 227 2.51 9.74 6.84
N SER A 228 3.77 9.34 6.97
CA SER A 228 4.20 8.02 6.55
C SER A 228 4.61 7.18 7.77
N GLY A 229 4.06 5.98 7.85
CA GLY A 229 4.38 5.11 8.97
C GLY A 229 5.82 4.66 9.06
N HIS A 230 6.48 4.44 7.92
CA HIS A 230 7.85 3.97 7.95
C HIS A 230 8.84 4.93 8.59
N LYS A 231 8.45 6.21 8.71
CA LYS A 231 9.32 7.19 9.33
C LYS A 231 9.05 7.31 10.82
N MET A 232 7.98 6.67 11.29
CA MET A 232 7.63 6.71 12.70
C MET A 232 7.56 5.31 13.33
N CYS A 233 8.60 4.52 13.09
CA CYS A 233 8.74 3.16 13.63
C CYS A 233 7.78 2.09 13.17
N ALA A 234 7.04 2.35 12.10
CA ALA A 234 6.10 1.36 11.60
C ALA A 234 6.66 0.74 10.32
N PRO A 235 6.10 -0.38 9.88
CA PRO A 235 6.63 -0.96 8.65
C PRO A 235 6.32 -0.10 7.44
N THR A 236 7.01 -0.35 6.33
CA THR A 236 6.72 0.37 5.12
C THR A 236 5.38 -0.22 4.69
N GLY A 237 4.70 0.42 3.75
CA GLY A 237 3.43 -0.12 3.31
C GLY A 237 2.20 0.47 3.96
N ILE A 238 2.39 1.37 4.93
CA ILE A 238 1.26 1.99 5.61
C ILE A 238 1.53 3.46 5.92
N GLY A 239 0.55 4.30 5.59
CA GLY A 239 0.65 5.72 5.85
C GLY A 239 -0.79 6.16 6.09
N PHE A 240 -1.01 7.45 6.31
CA PHE A 240 -2.39 7.86 6.52
C PHE A 240 -2.68 9.30 6.15
N LEU A 241 -3.95 9.53 5.88
CA LEU A 241 -4.46 10.85 5.55
C LEU A 241 -5.41 11.24 6.67
N TYR A 242 -5.29 12.48 7.13
CA TYR A 242 -6.21 13.00 8.12
C TYR A 242 -6.98 14.04 7.33
N GLY A 243 -8.30 14.07 7.50
CA GLY A 243 -9.10 15.06 6.82
C GLY A 243 -10.30 15.43 7.66
N LYS A 244 -10.65 16.72 7.72
CA LYS A 244 -11.82 17.12 8.48
C LYS A 244 -12.98 16.30 7.95
N GLU A 245 -13.75 15.70 8.85
CA GLU A 245 -14.87 14.86 8.44
C GLU A 245 -15.77 15.46 7.38
N GLU A 246 -16.16 16.73 7.56
CA GLU A 246 -17.03 17.40 6.60
C GLU A 246 -16.41 17.45 5.21
N ILE A 247 -15.10 17.65 5.14
CA ILE A 247 -14.41 17.71 3.86
C ILE A 247 -14.36 16.33 3.21
N LEU A 248 -14.00 15.31 3.99
CA LEU A 248 -13.94 13.96 3.45
C LEU A 248 -15.33 13.50 3.03
N GLU A 249 -16.34 13.91 3.77
CA GLU A 249 -17.71 13.54 3.47
C GLU A 249 -18.13 14.09 2.11
N ALA A 250 -17.72 15.32 1.82
CA ALA A 250 -18.05 15.97 0.55
C ALA A 250 -17.21 15.49 -0.63
N MET A 251 -15.98 15.07 -0.35
CA MET A 251 -15.08 14.59 -1.41
C MET A 251 -15.60 13.30 -2.02
N PRO A 252 -15.52 13.16 -3.35
CA PRO A 252 -15.98 11.94 -4.02
C PRO A 252 -14.98 10.82 -3.79
N PRO A 253 -15.43 9.55 -3.88
CA PRO A 253 -14.48 8.45 -3.68
C PRO A 253 -13.36 8.51 -4.72
N PHE A 254 -12.23 7.90 -4.39
CA PHE A 254 -11.10 7.88 -5.31
C PHE A 254 -10.97 6.49 -5.89
N PHE A 255 -10.39 5.55 -5.13
CA PHE A 255 -10.29 4.18 -5.61
C PHE A 255 -11.67 3.52 -5.50
N GLY A 256 -12.02 2.70 -6.48
CA GLY A 256 -13.30 2.02 -6.43
C GLY A 256 -13.05 0.53 -6.29
N GLY A 257 -13.97 -0.18 -5.62
CA GLY A 257 -13.78 -1.62 -5.47
C GLY A 257 -14.37 -2.19 -4.19
N GLY A 258 -13.98 -3.42 -3.87
CA GLY A 258 -14.49 -4.04 -2.67
C GLY A 258 -14.22 -3.24 -1.41
N GLU A 259 -15.08 -3.42 -0.41
CA GLU A 259 -14.94 -2.77 0.88
C GLU A 259 -15.25 -1.27 0.99
N MET A 260 -15.17 -0.54 -0.11
CA MET A 260 -15.47 0.89 -0.04
C MET A 260 -16.89 1.20 -0.48
N ILE A 261 -17.63 0.14 -0.84
CA ILE A 261 -19.01 0.29 -1.28
C ILE A 261 -20.01 -0.05 -0.18
N ALA A 262 -21.27 0.31 -0.43
CA ALA A 262 -22.37 0.01 0.50
C ALA A 262 -23.15 -1.07 -0.21
N GLU A 263 -23.48 -0.81 -1.47
CA GLU A 263 -24.19 -1.75 -2.32
C GLU A 263 -23.66 -1.65 -3.74
N VAL A 264 -23.67 -2.76 -4.45
CA VAL A 264 -23.19 -2.76 -5.83
C VAL A 264 -24.21 -3.48 -6.72
N PHE A 265 -24.55 -2.84 -7.82
CA PHE A 265 -25.48 -3.40 -8.79
C PHE A 265 -24.72 -3.37 -10.10
N PHE A 266 -25.25 -4.00 -11.13
CA PHE A 266 -24.57 -4.00 -12.41
C PHE A 266 -24.55 -2.58 -12.98
N ASP A 267 -25.60 -1.81 -12.72
CA ASP A 267 -25.67 -0.46 -13.28
C ASP A 267 -25.14 0.70 -12.43
N HIS A 268 -24.95 0.46 -11.14
CA HIS A 268 -24.42 1.52 -10.29
C HIS A 268 -23.97 0.98 -8.94
N PHE A 269 -23.28 1.81 -8.18
CA PHE A 269 -22.81 1.43 -6.87
C PHE A 269 -23.04 2.61 -5.93
N THR A 270 -23.16 2.31 -4.65
CA THR A 270 -23.32 3.34 -3.65
C THR A 270 -22.07 3.22 -2.80
N THR A 271 -21.59 4.34 -2.28
CA THR A 271 -20.38 4.35 -1.46
C THR A 271 -20.65 4.09 0.01
N GLY A 272 -19.67 3.49 0.68
CA GLY A 272 -19.81 3.21 2.09
C GLY A 272 -19.55 4.49 2.89
N GLU A 273 -19.78 4.44 4.20
CA GLU A 273 -19.56 5.59 5.05
C GLU A 273 -18.08 5.76 5.34
N LEU A 274 -17.72 6.92 5.87
CA LEU A 274 -16.33 7.20 6.22
C LEU A 274 -15.95 6.25 7.35
N PRO A 275 -14.68 5.81 7.39
CA PRO A 275 -13.61 6.15 6.45
C PRO A 275 -13.49 5.12 5.33
N HIS A 276 -14.25 4.02 5.46
CA HIS A 276 -14.27 2.93 4.49
C HIS A 276 -14.41 3.44 3.06
N LYS A 277 -15.13 4.55 2.91
CA LYS A 277 -15.36 5.18 1.62
C LYS A 277 -14.09 5.34 0.78
N PHE A 278 -12.98 5.65 1.45
CA PHE A 278 -11.70 5.85 0.76
C PHE A 278 -10.72 4.71 0.83
N GLU A 279 -11.16 3.55 1.31
CA GLU A 279 -10.27 2.40 1.42
C GLU A 279 -10.82 1.23 0.60
N ALA A 280 -10.25 1.07 -0.60
CA ALA A 280 -10.68 0.03 -1.52
C ALA A 280 -9.84 -1.24 -1.46
N GLY A 281 -10.50 -2.39 -1.47
CA GLY A 281 -9.81 -3.66 -1.43
C GLY A 281 -9.35 -4.06 -0.04
N THR A 282 -8.72 -5.23 0.03
CA THR A 282 -8.22 -5.75 1.30
C THR A 282 -7.18 -4.77 1.82
N PRO A 283 -7.30 -4.35 3.08
CA PRO A 283 -6.29 -3.40 3.58
C PRO A 283 -4.96 -4.07 3.91
N ALA A 284 -3.98 -3.23 4.24
CA ALA A 284 -2.67 -3.74 4.62
C ALA A 284 -2.88 -4.01 6.11
N ILE A 285 -3.64 -5.07 6.39
CA ILE A 285 -4.00 -5.46 7.75
C ILE A 285 -2.84 -5.53 8.75
N ALA A 286 -1.86 -6.38 8.45
CA ALA A 286 -0.71 -6.55 9.33
C ALA A 286 0.04 -5.24 9.52
N GLU A 287 0.24 -4.51 8.43
CA GLU A 287 0.97 -3.26 8.50
C GLU A 287 0.24 -2.23 9.34
N ALA A 288 -1.10 -2.21 9.24
CA ALA A 288 -1.89 -1.27 10.03
C ALA A 288 -1.79 -1.61 11.52
N ILE A 289 -1.93 -2.90 11.85
CA ILE A 289 -1.83 -3.32 13.23
C ILE A 289 -0.46 -2.95 13.80
N ALA A 290 0.58 -3.11 12.98
CA ALA A 290 1.94 -2.78 13.40
C ALA A 290 2.05 -1.27 13.63
N LEU A 291 1.36 -0.49 12.80
CA LEU A 291 1.39 0.96 12.95
C LEU A 291 0.77 1.31 14.31
N GLY A 292 -0.27 0.56 14.68
CA GLY A 292 -0.90 0.78 15.97
C GLY A 292 0.10 0.52 17.08
N ALA A 293 0.93 -0.50 16.88
CA ALA A 293 1.96 -0.84 17.87
C ALA A 293 3.01 0.28 17.91
N ALA A 294 3.31 0.86 16.75
CA ALA A 294 4.29 1.95 16.68
C ALA A 294 3.75 3.14 17.45
N VAL A 295 2.51 3.51 17.17
CA VAL A 295 1.87 4.62 17.87
C VAL A 295 1.89 4.38 19.38
N ASP A 296 1.55 3.16 19.78
CA ASP A 296 1.54 2.81 21.20
C ASP A 296 2.94 2.95 21.78
N TYR A 297 3.95 2.52 21.03
CA TYR A 297 5.33 2.61 21.48
C TYR A 297 5.75 4.07 21.67
N LEU A 298 5.48 4.91 20.68
CA LEU A 298 5.84 6.32 20.75
C LEU A 298 5.09 7.05 21.87
N THR A 299 3.81 6.75 22.04
CA THR A 299 2.99 7.38 23.08
C THR A 299 3.51 7.00 24.46
N ASP A 300 3.96 5.76 24.60
CA ASP A 300 4.49 5.29 25.88
C ASP A 300 5.72 6.12 26.24
N LEU A 301 6.56 6.41 25.24
CA LEU A 301 7.74 7.22 25.50
C LEU A 301 7.31 8.66 25.74
N GLY A 302 6.29 9.09 25.01
CA GLY A 302 5.80 10.45 25.12
C GLY A 302 6.44 11.30 24.04
N MET A 303 5.63 11.90 23.18
CA MET A 303 6.17 12.70 22.09
C MET A 303 6.90 13.94 22.60
N GLU A 304 6.44 14.51 23.71
CA GLU A 304 7.11 15.68 24.27
C GLU A 304 8.51 15.28 24.73
N ASN A 305 8.62 14.08 25.32
CA ASN A 305 9.89 13.57 25.79
C ASN A 305 10.83 13.30 24.61
N ILE A 306 10.28 12.70 23.56
CA ILE A 306 11.08 12.42 22.37
C ILE A 306 11.60 13.74 21.81
N HIS A 307 10.69 14.71 21.70
CA HIS A 307 11.06 16.02 21.18
C HIS A 307 12.11 16.72 22.04
N ASN A 308 11.94 16.67 23.36
CA ASN A 308 12.90 17.32 24.24
C ASN A 308 14.30 16.72 24.07
N TYR A 309 14.36 15.40 23.95
CA TYR A 309 15.65 14.73 23.78
C TYR A 309 16.28 15.10 22.44
N GLU A 310 15.46 15.14 21.39
CA GLU A 310 15.95 15.49 20.05
C GLU A 310 16.49 16.92 20.01
N VAL A 311 15.84 17.82 20.75
CA VAL A 311 16.28 19.20 20.80
C VAL A 311 17.71 19.23 21.34
N GLU A 312 17.96 18.42 22.37
CA GLU A 312 19.29 18.35 22.96
C GLU A 312 20.30 17.85 21.94
N LEU A 313 19.93 16.81 21.20
CA LEU A 313 20.83 16.25 20.19
C LEU A 313 21.05 17.23 19.04
N THR A 314 20.01 17.97 18.70
CA THR A 314 20.08 18.94 17.62
C THR A 314 21.09 20.03 17.93
N HIS A 315 21.06 20.54 19.16
CA HIS A 315 22.00 21.59 19.53
C HIS A 315 23.43 21.06 19.49
N TYR A 316 23.62 19.84 19.97
CA TYR A 316 24.94 19.22 19.99
C TYR A 316 25.44 19.05 18.56
N LEU A 317 24.57 18.55 17.69
CA LEU A 317 24.93 18.34 16.29
C LEU A 317 25.33 19.63 15.60
N TRP A 318 24.47 20.65 15.68
CA TRP A 318 24.76 21.92 15.05
C TRP A 318 25.97 22.63 15.63
N GLN A 319 26.17 22.48 16.93
CA GLN A 319 27.33 23.10 17.57
C GLN A 319 28.59 22.46 17.01
N GLY A 320 28.57 21.13 16.86
CA GLY A 320 29.72 20.41 16.35
C GLY A 320 30.01 20.74 14.89
N LEU A 321 28.96 20.76 14.07
CA LEU A 321 29.12 21.06 12.65
C LEU A 321 29.56 22.50 12.45
N GLY A 322 29.06 23.39 13.29
CA GLY A 322 29.42 24.79 13.18
C GLY A 322 30.89 25.06 13.40
N GLN A 323 31.59 24.12 14.02
CA GLN A 323 33.01 24.27 14.30
C GLN A 323 33.91 23.77 13.17
N ILE A 324 33.31 23.21 12.13
CA ILE A 324 34.07 22.73 10.98
C ILE A 324 34.03 23.85 9.94
N PRO A 325 35.16 24.56 9.77
CA PRO A 325 35.30 25.68 8.83
C PRO A 325 34.87 25.46 7.38
N GLN A 326 35.02 24.25 6.88
CA GLN A 326 34.67 23.99 5.50
C GLN A 326 33.16 23.86 5.27
N LEU A 327 32.39 23.76 6.35
CA LEU A 327 30.95 23.55 6.24
C LEU A 327 29.97 24.71 6.14
N ARG A 328 28.95 24.48 5.31
CA ARG A 328 27.87 25.43 5.10
C ARG A 328 26.63 24.67 5.58
N LEU A 329 25.99 25.16 6.64
CA LEU A 329 24.79 24.52 7.18
C LEU A 329 23.55 25.21 6.62
N TYR A 330 22.56 24.41 6.20
CA TYR A 330 21.34 24.96 5.63
C TYR A 330 20.18 24.93 6.60
N GLY A 331 19.31 25.94 6.51
CA GLY A 331 18.17 25.99 7.40
C GLY A 331 18.45 26.82 8.63
N PRO A 332 17.44 27.05 9.48
CA PRO A 332 17.59 27.84 10.70
C PRO A 332 18.41 27.17 11.80
N ASN A 333 19.24 27.98 12.46
CA ASN A 333 20.07 27.49 13.54
C ASN A 333 19.16 27.18 14.73
N PRO A 334 19.45 26.10 15.48
CA PRO A 334 18.66 25.69 16.65
C PRO A 334 18.51 26.80 17.67
N LYS A 335 19.51 27.66 17.74
CA LYS A 335 19.51 28.78 18.68
C LYS A 335 18.26 29.67 18.56
N HIS A 336 17.70 29.73 17.36
CA HIS A 336 16.53 30.57 17.12
C HIS A 336 15.21 29.91 17.49
N GLY A 337 15.25 28.64 17.86
CA GLY A 337 14.02 27.96 18.23
C GLY A 337 13.91 26.57 17.66
N ASP A 338 12.76 25.94 17.84
CA ASP A 338 12.51 24.59 17.36
C ASP A 338 12.82 24.38 15.88
N ARG A 339 13.45 23.25 15.59
CA ARG A 339 13.78 22.86 14.23
C ARG A 339 13.91 21.34 14.23
N ALA A 340 13.99 20.74 13.04
CA ALA A 340 14.12 19.29 12.96
C ALA A 340 15.47 18.81 13.49
N ALA A 341 15.49 17.59 14.01
CA ALA A 341 16.72 17.02 14.52
C ALA A 341 17.53 16.45 13.36
N LEU A 342 17.98 17.34 12.49
CA LEU A 342 18.78 16.94 11.33
C LEU A 342 19.62 18.14 10.91
N ALA A 343 20.58 17.88 10.03
CA ALA A 343 21.42 18.94 9.50
C ALA A 343 21.81 18.59 8.08
N SER A 344 21.45 19.47 7.15
CA SER A 344 21.82 19.30 5.76
C SER A 344 22.96 20.29 5.56
N PHE A 345 23.98 19.89 4.80
CA PHE A 345 25.14 20.75 4.62
C PHE A 345 25.98 20.38 3.40
N ASN A 346 26.99 21.20 3.13
CA ASN A 346 27.92 20.95 2.05
C ASN A 346 29.30 21.41 2.51
N VAL A 347 30.31 20.67 2.06
CA VAL A 347 31.70 20.96 2.39
C VAL A 347 32.28 21.68 1.16
N ALA A 348 32.85 22.85 1.38
CA ALA A 348 33.42 23.63 0.29
C ALA A 348 34.38 22.78 -0.57
N GLY A 349 34.17 22.83 -1.88
CA GLY A 349 35.02 22.10 -2.80
C GLY A 349 34.88 20.59 -2.81
N LEU A 350 33.91 20.07 -2.05
CA LEU A 350 33.71 18.63 -1.98
C LEU A 350 32.25 18.27 -2.25
N HIS A 351 32.01 17.34 -3.16
CA HIS A 351 30.64 16.94 -3.49
C HIS A 351 30.07 16.09 -2.34
N ALA A 352 28.79 16.30 -2.03
CA ALA A 352 28.15 15.56 -0.95
C ALA A 352 28.22 14.05 -1.10
N SER A 353 28.17 13.56 -2.34
CA SER A 353 28.23 12.11 -2.57
C SER A 353 29.53 11.53 -2.00
N ASP A 354 30.64 12.25 -2.17
CA ASP A 354 31.92 11.78 -1.65
C ASP A 354 31.93 11.77 -0.13
N VAL A 355 31.26 12.76 0.47
CA VAL A 355 31.19 12.84 1.92
C VAL A 355 30.43 11.63 2.45
N ALA A 356 29.25 11.39 1.89
CA ALA A 356 28.42 10.27 2.32
C ALA A 356 29.12 8.92 2.15
N THR A 357 29.80 8.74 1.02
CA THR A 357 30.49 7.48 0.75
C THR A 357 31.64 7.24 1.73
N MET A 358 32.41 8.28 2.01
CA MET A 358 33.53 8.14 2.92
C MET A 358 33.12 7.87 4.38
N VAL A 359 32.14 8.60 4.90
CA VAL A 359 31.75 8.34 6.28
C VAL A 359 31.16 6.95 6.43
N ASP A 360 30.62 6.40 5.34
CA ASP A 360 30.05 5.06 5.38
C ASP A 360 31.16 4.04 5.66
N GLN A 361 32.38 4.43 5.32
CA GLN A 361 33.54 3.56 5.55
C GLN A 361 33.80 3.44 7.05
N ASP A 362 33.28 4.40 7.81
CA ASP A 362 33.41 4.41 9.26
C ASP A 362 32.11 3.88 9.87
N GLY A 363 31.26 3.32 9.02
CA GLY A 363 29.99 2.76 9.48
C GLY A 363 28.89 3.79 9.68
N ILE A 364 29.17 5.04 9.33
CA ILE A 364 28.20 6.12 9.49
C ILE A 364 27.28 6.19 8.29
N ALA A 365 25.97 6.16 8.55
CA ALA A 365 25.00 6.22 7.49
C ALA A 365 24.31 7.58 7.39
N ILE A 366 24.67 8.35 6.37
CA ILE A 366 24.05 9.63 6.12
C ILE A 366 23.59 9.60 4.68
N ARG A 367 22.98 10.67 4.20
CA ARG A 367 22.50 10.67 2.83
C ARG A 367 22.96 11.88 2.05
N SER A 368 23.22 11.68 0.76
CA SER A 368 23.65 12.78 -0.11
C SER A 368 22.56 12.84 -1.19
N GLY A 369 22.60 13.86 -2.04
CA GLY A 369 21.58 13.98 -3.06
C GLY A 369 20.67 15.16 -2.79
N HIS A 370 19.53 15.22 -3.48
CA HIS A 370 18.60 16.33 -3.28
C HIS A 370 17.46 16.05 -2.30
N HIS A 371 17.43 14.86 -1.72
CA HIS A 371 16.39 14.47 -0.75
C HIS A 371 14.98 14.73 -1.23
N CYS A 372 14.75 14.51 -2.52
CA CYS A 372 13.46 14.73 -3.13
C CYS A 372 12.98 16.18 -3.05
N THR A 373 13.94 17.11 -3.02
CA THR A 373 13.65 18.54 -3.02
C THR A 373 14.59 19.17 -4.06
N GLN A 374 14.49 18.66 -5.29
CA GLN A 374 15.35 19.16 -6.37
C GLN A 374 15.15 20.64 -6.67
N PRO A 375 13.89 21.12 -6.72
CA PRO A 375 13.70 22.54 -7.02
C PRO A 375 14.41 23.45 -6.00
N LEU A 376 14.34 23.07 -4.73
CA LEU A 376 14.99 23.85 -3.67
C LEU A 376 16.49 23.86 -3.91
N HIS A 377 17.08 22.70 -4.11
CA HIS A 377 18.51 22.62 -4.35
C HIS A 377 18.91 23.41 -5.58
N ARG A 378 18.18 23.21 -6.68
CA ARG A 378 18.50 23.92 -7.92
C ARG A 378 18.37 25.43 -7.72
N LEU A 379 17.35 25.85 -6.99
CA LEU A 379 17.12 27.27 -6.74
C LEU A 379 18.34 27.96 -6.11
N PHE A 380 19.06 27.24 -5.24
CA PHE A 380 20.23 27.83 -4.61
C PHE A 380 21.55 27.25 -5.11
N ASP A 381 21.51 26.73 -6.32
CA ASP A 381 22.67 26.15 -6.98
C ASP A 381 23.46 25.17 -6.12
N ALA A 382 22.74 24.29 -5.43
CA ALA A 382 23.38 23.30 -4.58
C ALA A 382 23.35 21.96 -5.29
N SER A 383 24.52 21.38 -5.49
CA SER A 383 24.62 20.09 -6.18
C SER A 383 24.31 19.01 -5.14
N GLY A 384 23.06 18.98 -4.69
CA GLY A 384 22.66 18.03 -3.68
C GLY A 384 23.25 18.52 -2.37
N SER A 385 23.11 17.76 -1.30
CA SER A 385 23.67 18.13 -0.01
C SER A 385 23.80 16.89 0.85
N ALA A 386 24.64 16.98 1.87
CA ALA A 386 24.82 15.86 2.78
C ALA A 386 23.83 16.08 3.92
N ARG A 387 23.20 15.02 4.39
CA ARG A 387 22.23 15.17 5.47
C ARG A 387 22.34 14.08 6.53
N ALA A 388 22.51 14.51 7.77
CA ALA A 388 22.58 13.61 8.90
C ALA A 388 21.27 13.89 9.64
N SER A 389 20.45 12.87 9.79
CA SER A 389 19.16 13.02 10.47
C SER A 389 19.03 12.05 11.63
N LEU A 390 18.58 12.57 12.76
CA LEU A 390 18.46 11.81 14.00
C LEU A 390 17.08 11.34 14.42
N TYR A 391 17.06 10.40 15.37
CA TYR A 391 15.83 9.93 15.96
C TYR A 391 16.17 9.69 17.44
N PHE A 392 15.17 9.37 18.25
CA PHE A 392 15.39 9.20 19.69
C PHE A 392 16.34 8.09 20.16
N TYR A 393 16.76 7.20 19.26
CA TYR A 393 17.70 6.16 19.65
C TYR A 393 19.15 6.53 19.34
N ASN A 394 19.36 7.72 18.78
CA ASN A 394 20.71 8.18 18.47
C ASN A 394 21.31 8.83 19.72
N THR A 395 22.63 8.92 19.77
CA THR A 395 23.31 9.48 20.93
C THR A 395 24.36 10.54 20.59
N LYS A 396 24.77 11.30 21.60
CA LYS A 396 25.79 12.32 21.42
C LYS A 396 27.10 11.64 21.03
N GLU A 397 27.31 10.42 21.53
CA GLU A 397 28.53 9.69 21.20
C GLU A 397 28.55 9.38 19.71
N GLU A 398 27.39 9.08 19.14
CA GLU A 398 27.32 8.79 17.71
C GLU A 398 27.58 10.05 16.90
N ILE A 399 27.08 11.18 17.39
CA ILE A 399 27.29 12.45 16.70
C ILE A 399 28.79 12.74 16.65
N ASP A 400 29.48 12.44 17.75
CA ASP A 400 30.92 12.66 17.83
C ASP A 400 31.67 11.77 16.83
N LEU A 401 31.24 10.52 16.70
CA LEU A 401 31.89 9.62 15.75
C LEU A 401 31.72 10.19 14.35
N PHE A 402 30.53 10.71 14.08
CA PHE A 402 30.23 11.29 12.78
C PHE A 402 31.10 12.52 12.51
N LEU A 403 31.20 13.41 13.49
CA LEU A 403 32.01 14.61 13.34
C LEU A 403 33.47 14.24 13.09
N GLN A 404 33.94 13.20 13.76
CA GLN A 404 35.33 12.76 13.60
C GLN A 404 35.55 12.22 12.19
N SER A 405 34.61 11.41 11.72
CA SER A 405 34.70 10.82 10.38
C SER A 405 34.63 11.92 9.33
N LEU A 406 33.80 12.93 9.57
CA LEU A 406 33.66 14.03 8.63
C LEU A 406 34.96 14.82 8.55
N GLN A 407 35.56 15.10 9.71
CA GLN A 407 36.83 15.82 9.73
C GLN A 407 37.91 15.03 9.01
N ALA A 408 37.90 13.71 9.19
CA ALA A 408 38.88 12.85 8.53
C ALA A 408 38.66 12.88 7.03
N THR A 409 37.39 12.87 6.62
CA THR A 409 37.03 12.91 5.20
C THR A 409 37.55 14.19 4.57
N ILE A 410 37.38 15.30 5.29
CA ILE A 410 37.85 16.58 4.78
C ILE A 410 39.37 16.55 4.62
N ARG A 411 40.06 15.90 5.56
CA ARG A 411 41.51 15.80 5.46
C ARG A 411 41.90 15.01 4.20
N PHE A 412 41.22 13.88 3.99
CA PHE A 412 41.46 13.01 2.84
C PHE A 412 41.42 13.80 1.53
N PHE A 413 40.42 14.65 1.39
CA PHE A 413 40.27 15.42 0.16
C PHE A 413 41.01 16.75 0.14
N SER A 414 41.82 17.01 1.16
CA SER A 414 42.60 18.25 1.25
C SER A 414 44.01 18.02 0.71
N PRO B 7 2.84 -39.70 1.35
CA PRO B 7 2.60 -38.38 1.96
C PRO B 7 2.09 -37.37 0.93
N SER B 8 0.96 -36.73 1.25
CA SER B 8 0.36 -35.74 0.36
C SER B 8 1.23 -34.49 0.30
N LEU B 9 0.94 -33.62 -0.67
CA LEU B 9 1.70 -32.38 -0.79
C LEU B 9 1.50 -31.58 0.49
N ALA B 10 0.27 -31.58 0.99
CA ALA B 10 -0.04 -30.85 2.22
C ALA B 10 0.78 -31.39 3.39
N ALA B 11 0.86 -32.71 3.49
CA ALA B 11 1.62 -33.34 4.57
C ALA B 11 3.08 -32.90 4.56
N THR B 12 3.61 -32.62 3.37
CA THR B 12 5.01 -32.20 3.27
C THR B 12 5.26 -30.72 3.57
N VAL B 13 4.22 -29.89 3.58
CA VAL B 13 4.40 -28.47 3.83
C VAL B 13 3.70 -27.84 5.03
N ARG B 14 2.71 -28.53 5.60
CA ARG B 14 1.99 -27.95 6.73
C ARG B 14 2.88 -27.45 7.86
N GLN B 15 4.02 -28.10 8.06
CA GLN B 15 4.93 -27.69 9.13
C GLN B 15 5.52 -26.30 8.87
N ASP B 16 5.45 -25.85 7.62
CA ASP B 16 6.00 -24.53 7.26
C ASP B 16 5.09 -23.37 7.68
N PHE B 17 3.83 -23.68 7.98
CA PHE B 17 2.87 -22.65 8.36
C PHE B 17 2.51 -22.70 9.84
N PRO B 18 3.15 -21.86 10.66
CA PRO B 18 2.88 -21.84 12.10
C PRO B 18 1.45 -21.58 12.54
N ILE B 19 0.70 -20.81 11.75
CA ILE B 19 -0.67 -20.49 12.13
C ILE B 19 -1.63 -21.69 12.10
N LEU B 20 -1.27 -22.72 11.34
CA LEU B 20 -2.12 -23.91 11.23
C LEU B 20 -2.11 -24.75 12.50
N ASN B 21 -1.05 -24.59 13.29
CA ASN B 21 -0.92 -25.35 14.53
C ASN B 21 -1.48 -24.62 15.75
N GLN B 22 -2.81 -24.64 15.86
CA GLN B 22 -3.48 -24.01 16.99
C GLN B 22 -4.91 -24.54 17.07
N GLU B 23 -5.55 -24.33 18.21
CA GLU B 23 -6.91 -24.80 18.41
C GLU B 23 -7.90 -23.65 18.46
N ILE B 24 -9.08 -23.87 17.89
CA ILE B 24 -10.14 -22.89 17.85
C ILE B 24 -11.39 -23.54 18.44
N ASN B 25 -11.95 -22.92 19.47
CA ASN B 25 -13.14 -23.43 20.13
C ASN B 25 -13.04 -24.89 20.56
N GLY B 26 -11.84 -25.27 21.00
CA GLY B 26 -11.62 -26.64 21.45
C GLY B 26 -11.26 -27.65 20.37
N HIS B 27 -11.14 -27.21 19.13
CA HIS B 27 -10.80 -28.12 18.03
C HIS B 27 -9.63 -27.59 17.21
N PRO B 28 -8.89 -28.48 16.55
CA PRO B 28 -7.77 -28.00 15.73
C PRO B 28 -8.33 -27.12 14.63
N LEU B 29 -7.65 -26.02 14.34
CA LEU B 29 -8.08 -25.10 13.31
C LEU B 29 -8.15 -25.78 11.95
N VAL B 30 -9.21 -25.52 11.21
CA VAL B 30 -9.37 -26.05 9.85
C VAL B 30 -9.65 -24.80 9.04
N TYR B 31 -8.60 -24.23 8.44
CA TYR B 31 -8.72 -23.00 7.69
C TYR B 31 -9.16 -23.21 6.24
N LEU B 32 -10.43 -22.93 5.98
CA LEU B 32 -10.98 -23.11 4.64
C LEU B 32 -11.51 -21.78 4.10
N ASP B 33 -10.74 -20.71 4.30
CA ASP B 33 -11.12 -19.39 3.82
C ASP B 33 -9.92 -18.78 3.10
N ASN B 34 -9.24 -19.60 2.31
CA ASN B 34 -8.07 -19.18 1.57
C ASN B 34 -8.38 -18.22 0.43
N ALA B 35 -9.62 -18.22 -0.05
CA ALA B 35 -9.99 -17.31 -1.14
C ALA B 35 -10.09 -15.89 -0.57
N ALA B 36 -10.24 -15.77 0.75
CA ALA B 36 -10.31 -14.46 1.39
C ALA B 36 -8.87 -13.99 1.58
N THR B 37 -8.03 -14.87 2.12
CA THR B 37 -6.62 -14.56 2.28
C THR B 37 -5.88 -15.83 2.65
N SER B 38 -4.61 -15.89 2.29
CA SER B 38 -3.80 -17.08 2.55
C SER B 38 -2.91 -16.96 3.77
N GLN B 39 -2.43 -18.10 4.24
CA GLN B 39 -1.54 -18.13 5.38
C GLN B 39 -0.11 -18.09 4.85
N LYS B 40 0.85 -17.75 5.70
CA LYS B 40 2.23 -17.60 5.26
C LYS B 40 3.21 -18.64 5.78
N PRO B 41 4.15 -19.08 4.94
CA PRO B 41 5.16 -20.06 5.35
C PRO B 41 6.30 -19.32 6.06
N ARG B 42 7.01 -20.02 6.94
CA ARG B 42 8.11 -19.41 7.68
C ARG B 42 9.10 -18.68 6.78
N ALA B 43 9.36 -19.24 5.60
CA ALA B 43 10.30 -18.65 4.66
C ALA B 43 9.95 -17.18 4.37
N VAL B 44 8.66 -16.90 4.29
CA VAL B 44 8.19 -15.55 4.01
C VAL B 44 8.31 -14.67 5.24
N LEU B 45 7.83 -15.17 6.38
CA LEU B 45 7.88 -14.38 7.61
C LEU B 45 9.30 -14.09 8.06
N GLU B 46 10.20 -15.04 7.87
CA GLU B 46 11.59 -14.85 8.27
C GLU B 46 12.25 -13.81 7.37
N LYS B 47 11.86 -13.79 6.10
CA LYS B 47 12.41 -12.83 5.14
C LYS B 47 12.06 -11.41 5.59
N LEU B 48 10.81 -11.23 5.99
CA LEU B 48 10.30 -9.95 6.46
C LEU B 48 11.04 -9.53 7.72
N MET B 49 11.11 -10.44 8.68
CA MET B 49 11.77 -10.18 9.94
C MET B 49 13.26 -9.90 9.78
N HIS B 50 13.93 -10.67 8.91
CA HIS B 50 15.36 -10.48 8.68
C HIS B 50 15.63 -9.09 8.15
N TYR B 51 14.80 -8.65 7.21
CA TYR B 51 14.98 -7.33 6.63
C TYR B 51 14.90 -6.23 7.67
N TYR B 52 13.84 -6.21 8.47
CA TYR B 52 13.68 -5.17 9.49
C TYR B 52 14.72 -5.20 10.60
N GLU B 53 15.23 -6.38 10.90
CA GLU B 53 16.23 -6.53 11.96
C GLU B 53 17.65 -6.33 11.46
N ASN B 54 17.85 -6.33 10.14
CA ASN B 54 19.20 -6.20 9.60
C ASN B 54 19.47 -5.19 8.50
N ASP B 55 18.56 -5.12 7.53
CA ASP B 55 18.79 -4.26 6.37
C ASP B 55 17.94 -3.02 6.15
N ASN B 56 16.91 -2.81 6.96
CA ASN B 56 16.03 -1.66 6.77
C ASN B 56 16.68 -0.31 6.55
N ALA B 57 16.41 0.26 5.37
CA ALA B 57 16.93 1.56 4.96
C ALA B 57 16.22 1.94 3.67
N ASN B 58 16.31 3.21 3.27
CA ASN B 58 15.65 3.63 2.04
C ASN B 58 16.39 3.01 0.86
N VAL B 59 15.65 2.74 -0.21
CA VAL B 59 16.22 2.15 -1.40
C VAL B 59 16.41 3.19 -2.50
N ALA B 63 24.78 6.31 -0.74
CA ALA B 63 24.17 4.95 -0.58
C ALA B 63 25.01 4.15 0.41
N HIS B 64 24.71 4.32 1.69
CA HIS B 64 25.42 3.63 2.76
C HIS B 64 25.12 2.12 2.73
N GLN B 65 25.93 1.34 3.43
CA GLN B 65 25.80 -0.11 3.47
C GLN B 65 24.37 -0.68 3.58
N LEU B 66 23.64 -0.29 4.60
CA LEU B 66 22.27 -0.80 4.76
C LEU B 66 21.42 -0.49 3.54
N SER B 67 21.56 0.72 3.00
CA SER B 67 20.81 1.12 1.83
C SER B 67 21.12 0.18 0.66
N VAL B 68 22.39 -0.16 0.51
CA VAL B 68 22.83 -1.05 -0.57
C VAL B 68 22.20 -2.43 -0.40
N ARG B 69 22.24 -2.96 0.82
CA ARG B 69 21.67 -4.26 1.10
C ARG B 69 20.16 -4.26 0.89
N ALA B 70 19.49 -3.21 1.34
CA ALA B 70 18.05 -3.11 1.16
C ALA B 70 17.71 -2.99 -0.32
N THR B 71 18.48 -2.16 -1.03
CA THR B 71 18.27 -1.94 -2.46
C THR B 71 18.48 -3.22 -3.28
N ASP B 72 19.54 -3.97 -2.98
CA ASP B 72 19.79 -5.20 -3.73
C ASP B 72 18.67 -6.21 -3.52
N ALA B 73 18.20 -6.32 -2.28
CA ALA B 73 17.12 -7.26 -1.96
C ALA B 73 15.83 -6.87 -2.67
N TYR B 74 15.49 -5.58 -2.60
CA TYR B 74 14.27 -5.08 -3.21
C TYR B 74 14.26 -5.16 -4.74
N GLU B 75 15.37 -4.80 -5.37
CA GLU B 75 15.45 -4.83 -6.82
C GLU B 75 15.37 -6.24 -7.40
N ALA B 76 15.80 -7.24 -6.63
CA ALA B 76 15.76 -8.63 -7.11
C ALA B 76 14.35 -9.18 -7.20
N VAL B 77 13.41 -8.57 -6.50
CA VAL B 77 12.03 -9.07 -6.50
C VAL B 77 11.30 -8.98 -7.84
N ARG B 78 11.48 -7.87 -8.55
CA ARG B 78 10.77 -7.67 -9.80
C ARG B 78 10.93 -8.78 -10.83
N ASN B 79 12.13 -9.32 -10.99
CA ASN B 79 12.32 -10.38 -11.96
C ASN B 79 11.74 -11.70 -11.47
N LYS B 80 11.64 -11.86 -10.16
CA LYS B 80 11.05 -13.08 -9.60
C LYS B 80 9.57 -13.08 -10.00
N VAL B 81 8.93 -11.92 -9.88
CA VAL B 81 7.53 -11.80 -10.23
C VAL B 81 7.34 -11.92 -11.74
N ALA B 82 8.22 -11.28 -12.50
CA ALA B 82 8.15 -11.34 -13.97
C ALA B 82 8.20 -12.81 -14.41
N LYS B 83 9.18 -13.54 -13.88
CA LYS B 83 9.35 -14.94 -14.23
C LYS B 83 8.17 -15.81 -13.80
N PHE B 84 7.61 -15.49 -12.64
CA PHE B 84 6.47 -16.23 -12.09
C PHE B 84 5.26 -16.24 -13.04
N ILE B 85 5.04 -15.14 -13.76
CA ILE B 85 3.91 -15.06 -14.69
C ILE B 85 4.38 -15.04 -16.15
N ASN B 86 5.68 -15.27 -16.34
CA ASN B 86 6.30 -15.27 -17.66
C ASN B 86 6.16 -13.97 -18.43
N ALA B 87 6.37 -12.85 -17.75
CA ALA B 87 6.30 -11.55 -18.41
C ALA B 87 7.59 -11.44 -19.23
N ARG B 88 7.55 -10.70 -20.33
CA ARG B 88 8.75 -10.54 -21.18
C ARG B 88 9.84 -9.76 -20.50
N SER B 89 9.45 -8.76 -19.71
CA SER B 89 10.43 -7.92 -19.02
C SER B 89 9.95 -7.50 -17.64
N PRO B 90 10.89 -7.35 -16.69
CA PRO B 90 10.49 -6.94 -15.34
C PRO B 90 9.97 -5.50 -15.36
N ARG B 91 10.22 -4.79 -16.47
CA ARG B 91 9.75 -3.42 -16.59
C ARG B 91 8.23 -3.41 -16.73
N GLU B 92 7.65 -4.60 -16.92
CA GLU B 92 6.21 -4.75 -17.09
C GLU B 92 5.46 -5.05 -15.79
N ILE B 93 6.21 -5.06 -14.69
CA ILE B 93 5.66 -5.33 -13.35
C ILE B 93 5.62 -4.06 -12.52
N VAL B 94 4.45 -3.69 -12.02
CA VAL B 94 4.28 -2.50 -11.19
C VAL B 94 3.73 -2.93 -9.83
N TYR B 95 4.40 -2.52 -8.75
CA TYR B 95 3.94 -2.87 -7.42
C TYR B 95 2.81 -1.95 -6.96
N THR B 96 1.81 -2.54 -6.31
CA THR B 96 0.66 -1.80 -5.78
C THR B 96 0.41 -2.34 -4.37
N ARG B 97 -0.57 -1.79 -3.66
CA ARG B 97 -0.89 -2.25 -2.32
C ARG B 97 -1.65 -3.57 -2.44
N ASN B 98 -2.53 -3.65 -3.45
CA ASN B 98 -3.31 -4.85 -3.70
C ASN B 98 -3.80 -4.86 -5.13
N ALA B 99 -4.47 -5.95 -5.53
CA ALA B 99 -4.96 -6.03 -6.89
C ALA B 99 -5.96 -4.92 -7.16
N THR B 100 -6.73 -4.53 -6.15
CA THR B 100 -7.71 -3.46 -6.33
C THR B 100 -7.01 -2.17 -6.79
N GLU B 101 -5.90 -1.82 -6.14
CA GLU B 101 -5.19 -0.61 -6.56
C GLU B 101 -4.70 -0.75 -8.01
N ALA B 102 -4.20 -1.93 -8.35
CA ALA B 102 -3.71 -2.20 -9.69
C ALA B 102 -4.79 -1.96 -10.74
N ILE B 103 -6.01 -2.40 -10.45
CA ILE B 103 -7.11 -2.22 -11.39
C ILE B 103 -7.45 -0.73 -11.51
N ASN B 104 -7.48 -0.03 -10.37
CA ASN B 104 -7.78 1.39 -10.38
C ASN B 104 -6.73 2.17 -11.18
N LEU B 105 -5.48 1.74 -11.09
CA LEU B 105 -4.41 2.40 -11.83
C LEU B 105 -4.72 2.34 -13.33
N VAL B 106 -5.07 1.16 -13.82
CA VAL B 106 -5.40 1.01 -15.23
C VAL B 106 -6.65 1.81 -15.57
N ALA B 107 -7.63 1.78 -14.68
CA ALA B 107 -8.87 2.52 -14.90
C ALA B 107 -8.63 4.02 -15.02
N TYR B 108 -7.83 4.57 -14.10
CA TYR B 108 -7.55 6.01 -14.12
C TYR B 108 -6.54 6.44 -15.17
N SER B 109 -5.45 5.69 -15.32
CA SER B 109 -4.43 6.05 -16.29
C SER B 109 -4.83 5.76 -17.73
N TRP B 110 -5.28 4.55 -18.00
CA TRP B 110 -5.67 4.17 -19.36
C TRP B 110 -7.14 4.45 -19.65
N GLY B 111 -8.00 3.89 -18.81
CA GLY B 111 -9.43 4.05 -18.98
C GLY B 111 -9.97 5.46 -19.16
N MET B 112 -9.68 6.33 -18.20
CA MET B 112 -10.15 7.71 -18.27
C MET B 112 -9.63 8.48 -19.47
N ASN B 113 -8.50 8.03 -20.02
CA ASN B 113 -7.89 8.71 -21.16
C ASN B 113 -8.03 8.06 -22.53
N ASN B 114 -8.55 6.83 -22.58
CA ASN B 114 -8.71 6.16 -23.87
C ASN B 114 -10.14 5.77 -24.22
N LEU B 115 -11.06 5.97 -23.28
CA LEU B 115 -12.46 5.64 -23.51
C LEU B 115 -13.29 6.90 -23.72
N LYS B 116 -14.07 6.92 -24.79
CA LYS B 116 -14.92 8.05 -25.11
C LYS B 116 -16.38 7.63 -25.04
N ALA B 117 -17.29 8.60 -25.07
CA ALA B 117 -18.71 8.31 -25.00
C ALA B 117 -19.09 7.28 -26.07
N GLY B 118 -19.86 6.28 -25.67
CA GLY B 118 -20.28 5.26 -26.62
C GLY B 118 -19.35 4.05 -26.66
N ASP B 119 -18.09 4.25 -26.29
CA ASP B 119 -17.15 3.13 -26.30
C ASP B 119 -17.71 2.09 -25.35
N GLU B 120 -17.48 0.82 -25.66
CA GLU B 120 -18.00 -0.25 -24.82
C GLU B 120 -16.93 -1.03 -24.05
N ILE B 121 -17.29 -1.41 -22.84
CA ILE B 121 -16.41 -2.19 -21.97
C ILE B 121 -17.14 -3.49 -21.68
N ILE B 122 -16.53 -4.61 -22.06
CA ILE B 122 -17.16 -5.89 -21.78
C ILE B 122 -16.54 -6.50 -20.55
N THR B 123 -17.39 -6.89 -19.60
CA THR B 123 -16.93 -7.54 -18.39
C THR B 123 -17.92 -8.67 -18.16
N THR B 124 -17.94 -9.26 -16.96
CA THR B 124 -18.86 -10.39 -16.71
C THR B 124 -19.78 -10.17 -15.51
N VAL B 125 -20.82 -10.98 -15.42
CA VAL B 125 -21.76 -10.88 -14.32
C VAL B 125 -21.17 -11.42 -13.01
N MET B 126 -20.05 -12.14 -13.10
CA MET B 126 -19.43 -12.76 -11.93
C MET B 126 -18.29 -11.95 -11.30
N GLU B 127 -17.96 -10.80 -11.87
CA GLU B 127 -16.85 -9.99 -11.37
C GLU B 127 -16.87 -9.60 -9.90
N HIS B 128 -15.67 -9.53 -9.33
CA HIS B 128 -15.46 -9.09 -7.97
C HIS B 128 -15.69 -7.58 -8.08
N HIS B 129 -16.16 -6.94 -7.02
CA HIS B 129 -16.43 -5.51 -7.06
C HIS B 129 -15.23 -4.68 -7.50
N SER B 130 -14.03 -5.14 -7.18
CA SER B 130 -12.82 -4.41 -7.54
C SER B 130 -12.59 -4.36 -9.05
N ASN B 131 -13.20 -5.28 -9.79
CA ASN B 131 -13.06 -5.27 -11.24
C ASN B 131 -14.38 -4.87 -11.87
N LEU B 132 -15.16 -4.10 -11.13
CA LEU B 132 -16.45 -3.62 -11.61
C LEU B 132 -16.64 -2.14 -11.26
N VAL B 133 -16.48 -1.81 -9.99
CA VAL B 133 -16.66 -0.42 -9.56
C VAL B 133 -15.76 0.57 -10.29
N PRO B 134 -14.47 0.25 -10.46
CA PRO B 134 -13.59 1.21 -11.16
C PRO B 134 -14.10 1.50 -12.57
N TRP B 135 -14.64 0.48 -13.22
CA TRP B 135 -15.16 0.64 -14.58
C TRP B 135 -16.49 1.40 -14.59
N GLN B 136 -17.24 1.31 -13.51
CA GLN B 136 -18.50 2.05 -13.43
C GLN B 136 -18.10 3.53 -13.25
N MET B 137 -17.01 3.77 -12.51
CA MET B 137 -16.54 5.14 -12.31
C MET B 137 -16.06 5.71 -13.64
N VAL B 138 -15.38 4.88 -14.43
CA VAL B 138 -14.88 5.31 -15.73
C VAL B 138 -16.05 5.61 -16.67
N ALA B 139 -17.05 4.73 -16.65
CA ALA B 139 -18.22 4.90 -17.50
C ALA B 139 -18.96 6.20 -17.19
N ALA B 140 -19.07 6.53 -15.90
CA ALA B 140 -19.76 7.74 -15.48
C ALA B 140 -19.05 9.01 -15.93
N LYS B 141 -17.73 8.97 -16.01
CA LYS B 141 -16.96 10.15 -16.41
C LYS B 141 -16.73 10.28 -17.92
N THR B 142 -16.57 9.15 -18.60
CA THR B 142 -16.31 9.16 -20.04
C THR B 142 -17.52 8.93 -20.92
N GLY B 143 -18.56 8.30 -20.36
CA GLY B 143 -19.73 8.02 -21.15
C GLY B 143 -19.64 6.62 -21.74
N ALA B 144 -18.57 5.91 -21.40
CA ALA B 144 -18.39 4.55 -21.88
C ALA B 144 -19.55 3.72 -21.38
N VAL B 145 -19.82 2.59 -22.05
CA VAL B 145 -20.93 1.72 -21.67
C VAL B 145 -20.48 0.32 -21.29
N LEU B 146 -21.01 -0.20 -20.19
CA LEU B 146 -20.66 -1.54 -19.74
C LEU B 146 -21.59 -2.62 -20.29
N LYS B 147 -21.00 -3.73 -20.70
CA LYS B 147 -21.73 -4.88 -21.23
C LYS B 147 -21.34 -6.06 -20.31
N PHE B 148 -22.24 -7.00 -20.09
CA PHE B 148 -21.96 -8.12 -19.19
C PHE B 148 -22.18 -9.50 -19.78
N VAL B 149 -21.11 -10.31 -19.81
CA VAL B 149 -21.21 -11.67 -20.30
C VAL B 149 -21.99 -12.49 -19.26
N GLN B 150 -22.97 -13.27 -19.73
CA GLN B 150 -23.79 -14.09 -18.83
C GLN B 150 -23.16 -15.45 -18.53
N LEU B 151 -23.78 -16.17 -17.59
CA LEU B 151 -23.30 -17.49 -17.22
C LEU B 151 -23.93 -18.53 -18.13
N ASP B 152 -23.21 -19.61 -18.42
CA ASP B 152 -23.75 -20.66 -19.25
C ASP B 152 -24.48 -21.69 -18.39
N GLU B 153 -24.86 -22.82 -18.97
CA GLU B 153 -25.61 -23.83 -18.24
C GLU B 153 -24.85 -24.54 -17.10
N GLN B 154 -23.54 -24.37 -17.07
CA GLN B 154 -22.73 -24.96 -16.01
C GLN B 154 -22.23 -23.82 -15.11
N GLU B 155 -22.98 -22.72 -15.13
CA GLU B 155 -22.66 -21.53 -14.33
C GLU B 155 -21.21 -21.11 -14.49
N SER B 156 -20.79 -21.03 -15.74
CA SER B 156 -19.44 -20.63 -16.12
C SER B 156 -19.53 -19.56 -17.22
N PHE B 157 -18.38 -19.10 -17.69
CA PHE B 157 -18.32 -18.07 -18.73
C PHE B 157 -19.00 -18.52 -20.01
N ASP B 158 -19.98 -17.76 -20.48
CA ASP B 158 -20.68 -18.11 -21.70
C ASP B 158 -19.95 -17.46 -22.89
N LEU B 159 -19.02 -18.20 -23.48
CA LEU B 159 -18.23 -17.70 -24.61
C LEU B 159 -19.09 -17.30 -25.81
N GLU B 160 -20.17 -18.03 -26.05
CA GLU B 160 -21.03 -17.71 -27.17
C GLU B 160 -21.69 -16.35 -26.96
N HIS B 161 -22.11 -16.08 -25.73
CA HIS B 161 -22.75 -14.80 -25.43
C HIS B 161 -21.72 -13.68 -25.57
N PHE B 162 -20.50 -13.95 -25.12
CA PHE B 162 -19.41 -12.97 -25.20
C PHE B 162 -19.23 -12.54 -26.65
N LYS B 163 -19.25 -13.50 -27.57
CA LYS B 163 -19.07 -13.20 -28.98
C LYS B 163 -20.17 -12.27 -29.49
N THR B 164 -21.38 -12.40 -28.97
CA THR B 164 -22.49 -11.55 -29.40
C THR B 164 -22.35 -10.12 -28.88
N LEU B 165 -21.56 -9.92 -27.83
CA LEU B 165 -21.39 -8.58 -27.27
C LEU B 165 -20.32 -7.77 -27.99
N LEU B 166 -19.37 -8.46 -28.62
CA LEU B 166 -18.30 -7.78 -29.34
C LEU B 166 -18.88 -6.97 -30.49
N SER B 167 -18.36 -5.76 -30.67
CA SER B 167 -18.82 -4.87 -31.74
C SER B 167 -17.71 -3.92 -32.10
N GLU B 168 -17.96 -3.07 -33.10
CA GLU B 168 -16.98 -2.11 -33.53
C GLU B 168 -16.67 -1.10 -32.42
N LYS B 169 -17.51 -1.11 -31.39
CA LYS B 169 -17.35 -0.18 -30.27
C LYS B 169 -16.62 -0.74 -29.06
N THR B 170 -16.36 -2.04 -29.06
CA THR B 170 -15.66 -2.68 -27.95
C THR B 170 -14.23 -2.16 -27.86
N LYS B 171 -13.91 -1.44 -26.79
CA LYS B 171 -12.57 -0.90 -26.63
C LYS B 171 -11.81 -1.57 -25.49
N LEU B 172 -12.55 -2.16 -24.57
CA LEU B 172 -11.94 -2.83 -23.43
C LEU B 172 -12.73 -4.04 -22.98
N VAL B 173 -12.00 -5.11 -22.67
CA VAL B 173 -12.59 -6.33 -22.16
C VAL B 173 -11.84 -6.60 -20.86
N THR B 174 -12.55 -6.59 -19.74
CA THR B 174 -11.93 -6.84 -18.46
C THR B 174 -12.67 -8.00 -17.80
N VAL B 175 -11.95 -9.08 -17.54
CA VAL B 175 -12.57 -10.27 -16.96
C VAL B 175 -11.76 -10.95 -15.89
N VAL B 176 -12.46 -11.63 -14.99
CA VAL B 176 -11.79 -12.37 -13.93
C VAL B 176 -11.29 -13.66 -14.59
N HIS B 177 -10.12 -14.11 -14.19
CA HIS B 177 -9.55 -15.33 -14.74
C HIS B 177 -10.30 -16.52 -14.11
N ILE B 178 -10.28 -16.56 -12.77
CA ILE B 178 -10.96 -17.60 -12.02
C ILE B 178 -11.83 -16.91 -10.98
N SER B 179 -13.13 -17.15 -11.02
CA SER B 179 -14.08 -16.52 -10.09
C SER B 179 -13.87 -16.95 -8.64
N ASN B 180 -13.91 -15.98 -7.73
CA ASN B 180 -13.74 -16.25 -6.32
C ASN B 180 -15.03 -16.78 -5.69
N THR B 181 -16.11 -16.78 -6.47
CA THR B 181 -17.39 -17.27 -5.99
C THR B 181 -17.80 -18.53 -6.74
N LEU B 182 -17.84 -18.45 -8.06
CA LEU B 182 -18.23 -19.58 -8.89
C LEU B 182 -17.10 -20.60 -9.03
N GLY B 183 -15.86 -20.13 -8.98
CA GLY B 183 -14.73 -21.01 -9.12
C GLY B 183 -14.47 -21.41 -10.58
N CYS B 184 -15.25 -20.86 -11.51
CA CYS B 184 -15.06 -21.20 -12.91
C CYS B 184 -13.80 -20.58 -13.49
N VAL B 185 -13.17 -21.31 -14.41
CA VAL B 185 -11.95 -20.84 -15.06
C VAL B 185 -12.37 -20.28 -16.41
N ASN B 186 -12.27 -18.96 -16.57
CA ASN B 186 -12.65 -18.33 -17.82
C ASN B 186 -11.57 -18.50 -18.87
N PRO B 187 -11.97 -18.69 -20.14
CA PRO B 187 -11.04 -18.87 -21.26
C PRO B 187 -10.32 -17.58 -21.62
N ALA B 188 -9.40 -17.17 -20.76
CA ALA B 188 -8.65 -15.92 -20.95
C ALA B 188 -7.94 -15.80 -22.29
N GLU B 189 -7.24 -16.86 -22.70
CA GLU B 189 -6.51 -16.82 -23.96
C GLU B 189 -7.43 -16.59 -25.14
N GLU B 190 -8.55 -17.31 -25.20
CA GLU B 190 -9.47 -17.13 -26.31
C GLU B 190 -10.20 -15.79 -26.24
N ILE B 191 -10.52 -15.37 -25.03
CA ILE B 191 -11.19 -14.08 -24.85
C ILE B 191 -10.28 -12.99 -25.37
N ALA B 192 -8.99 -13.08 -25.06
CA ALA B 192 -8.02 -12.08 -25.50
C ALA B 192 -7.89 -12.07 -27.02
N GLN B 193 -7.81 -13.26 -27.60
CA GLN B 193 -7.68 -13.40 -29.04
C GLN B 193 -8.87 -12.75 -29.74
N LEU B 194 -10.07 -13.01 -29.24
CA LEU B 194 -11.29 -12.44 -29.82
C LEU B 194 -11.38 -10.93 -29.61
N ALA B 195 -11.05 -10.48 -28.41
CA ALA B 195 -11.09 -9.05 -28.09
C ALA B 195 -10.13 -8.27 -28.97
N HIS B 196 -8.93 -8.80 -29.13
CA HIS B 196 -7.90 -8.16 -29.95
C HIS B 196 -8.33 -8.07 -31.41
N GLN B 197 -8.95 -9.13 -31.92
CA GLN B 197 -9.40 -9.13 -33.30
C GLN B 197 -10.45 -8.02 -33.45
N ALA B 198 -11.13 -7.71 -32.35
CA ALA B 198 -12.16 -6.68 -32.34
C ALA B 198 -11.54 -5.30 -32.10
N GLY B 199 -10.24 -5.25 -31.84
CA GLY B 199 -9.57 -3.98 -31.62
C GLY B 199 -9.64 -3.45 -30.19
N ALA B 200 -9.93 -4.33 -29.23
CA ALA B 200 -10.02 -3.91 -27.84
C ALA B 200 -8.82 -4.40 -27.03
N LYS B 201 -8.60 -3.78 -25.87
CA LYS B 201 -7.52 -4.17 -24.97
C LYS B 201 -8.13 -5.12 -23.96
N VAL B 202 -7.31 -5.90 -23.27
CA VAL B 202 -7.83 -6.87 -22.31
C VAL B 202 -7.12 -6.89 -20.96
N LEU B 203 -7.90 -6.79 -19.89
CA LEU B 203 -7.36 -6.87 -18.54
C LEU B 203 -7.89 -8.15 -17.91
N VAL B 204 -7.00 -8.88 -17.25
CA VAL B 204 -7.40 -10.12 -16.60
C VAL B 204 -7.17 -10.01 -15.11
N ASP B 205 -8.22 -10.24 -14.33
CA ASP B 205 -8.14 -10.20 -12.87
C ASP B 205 -7.75 -11.61 -12.45
N ALA B 206 -6.48 -11.79 -12.14
CA ALA B 206 -5.94 -13.09 -11.76
C ALA B 206 -5.73 -13.30 -10.27
N CYS B 207 -6.51 -12.62 -9.44
CA CYS B 207 -6.36 -12.76 -7.99
C CYS B 207 -6.54 -14.19 -7.49
N GLN B 208 -7.44 -14.94 -8.10
CA GLN B 208 -7.69 -16.32 -7.68
C GLN B 208 -6.89 -17.36 -8.46
N SER B 209 -6.23 -16.94 -9.54
CA SER B 209 -5.44 -17.87 -10.33
C SER B 209 -3.95 -17.80 -9.97
N ALA B 210 -3.46 -16.58 -9.74
CA ALA B 210 -2.04 -16.40 -9.41
C ALA B 210 -1.55 -17.29 -8.26
N PRO B 211 -2.38 -17.49 -7.22
CA PRO B 211 -1.92 -18.34 -6.10
C PRO B 211 -2.05 -19.84 -6.30
N HIS B 212 -2.89 -20.26 -7.24
CA HIS B 212 -3.17 -21.68 -7.43
C HIS B 212 -2.92 -22.29 -8.80
N TYR B 213 -2.84 -21.44 -9.80
CA TYR B 213 -2.77 -21.87 -11.20
C TYR B 213 -1.61 -21.27 -11.98
N PRO B 214 -0.84 -22.10 -12.72
CA PRO B 214 0.29 -21.59 -13.50
C PRO B 214 -0.14 -20.47 -14.44
N LEU B 215 0.56 -19.33 -14.36
CA LEU B 215 0.24 -18.19 -15.20
C LEU B 215 1.31 -17.91 -16.25
N ASP B 216 0.86 -17.63 -17.48
CA ASP B 216 1.76 -17.31 -18.58
C ASP B 216 1.11 -16.18 -19.36
N VAL B 217 1.47 -14.94 -19.03
CA VAL B 217 0.87 -13.79 -19.69
C VAL B 217 1.18 -13.68 -21.18
N GLN B 218 2.22 -14.37 -21.63
CA GLN B 218 2.56 -14.33 -23.05
C GLN B 218 1.64 -15.27 -23.81
N LEU B 219 1.29 -16.39 -23.17
CA LEU B 219 0.39 -17.37 -23.78
C LEU B 219 -1.04 -16.82 -23.78
N ILE B 220 -1.45 -16.26 -22.65
CA ILE B 220 -2.78 -15.66 -22.51
C ILE B 220 -2.89 -14.40 -23.37
N ASP B 221 -1.77 -13.71 -23.50
CA ASP B 221 -1.66 -12.48 -24.27
C ASP B 221 -2.58 -11.37 -23.77
N CYS B 222 -2.74 -11.28 -22.45
CA CYS B 222 -3.56 -10.24 -21.87
C CYS B 222 -2.72 -8.96 -21.87
N ASP B 223 -3.38 -7.81 -21.95
CA ASP B 223 -2.67 -6.54 -21.98
C ASP B 223 -2.26 -6.12 -20.57
N TRP B 224 -3.10 -6.47 -19.59
CA TRP B 224 -2.82 -6.21 -18.18
C TRP B 224 -3.31 -7.41 -17.40
N LEU B 225 -2.69 -7.63 -16.24
CA LEU B 225 -3.10 -8.71 -15.35
C LEU B 225 -2.84 -8.18 -13.95
N VAL B 226 -3.73 -8.49 -13.01
CA VAL B 226 -3.54 -8.04 -11.64
C VAL B 226 -3.62 -9.21 -10.66
N ALA B 227 -2.96 -9.06 -9.52
CA ALA B 227 -2.97 -10.10 -8.50
C ALA B 227 -2.66 -9.49 -7.14
N SER B 228 -3.11 -10.16 -6.07
CA SER B 228 -2.86 -9.68 -4.72
C SER B 228 -1.91 -10.63 -4.01
N GLY B 229 -0.89 -10.07 -3.40
CA GLY B 229 0.09 -10.88 -2.70
C GLY B 229 -0.44 -11.62 -1.49
N HIS B 230 -1.41 -11.02 -0.79
CA HIS B 230 -1.93 -11.65 0.42
C HIS B 230 -2.63 -12.99 0.19
N LYS B 231 -3.01 -13.25 -1.07
CA LYS B 231 -3.67 -14.52 -1.39
C LYS B 231 -2.69 -15.57 -1.87
N MET B 232 -1.44 -15.16 -2.11
CA MET B 232 -0.41 -16.08 -2.56
C MET B 232 0.78 -16.16 -1.61
N CYS B 233 0.47 -16.31 -0.33
CA CYS B 233 1.46 -16.46 0.74
C CYS B 233 2.34 -15.25 1.03
N ALA B 234 1.97 -14.08 0.53
CA ALA B 234 2.77 -12.90 0.79
C ALA B 234 2.09 -11.99 1.80
N PRO B 235 2.80 -10.99 2.31
CA PRO B 235 2.14 -10.12 3.29
C PRO B 235 1.02 -9.29 2.68
N THR B 236 0.16 -8.76 3.55
CA THR B 236 -0.90 -7.89 3.09
C THR B 236 -0.13 -6.62 2.76
N GLY B 237 -0.71 -5.73 1.98
CA GLY B 237 0.03 -4.51 1.66
C GLY B 237 0.83 -4.55 0.38
N ILE B 238 0.85 -5.70 -0.31
CA ILE B 238 1.58 -5.77 -1.57
C ILE B 238 0.82 -6.59 -2.62
N GLY B 239 0.84 -6.09 -3.84
CA GLY B 239 0.19 -6.75 -4.96
C GLY B 239 0.89 -6.24 -6.20
N PHE B 240 0.41 -6.59 -7.38
CA PHE B 240 1.07 -6.08 -8.58
C PHE B 240 0.20 -6.03 -9.80
N LEU B 241 0.65 -5.20 -10.73
CA LEU B 241 0.00 -5.01 -12.01
C LEU B 241 1.02 -5.43 -13.05
N TYR B 242 0.56 -6.20 -14.03
CA TYR B 242 1.41 -6.61 -15.14
C TYR B 242 0.83 -5.83 -16.30
N GLY B 243 1.69 -5.28 -17.14
CA GLY B 243 1.20 -4.55 -18.29
C GLY B 243 2.20 -4.65 -19.42
N LYS B 244 1.74 -4.93 -20.63
CA LYS B 244 2.65 -5.01 -21.76
C LYS B 244 3.41 -3.69 -21.78
N GLU B 245 4.73 -3.78 -21.87
CA GLU B 245 5.58 -2.60 -21.85
C GLU B 245 5.14 -1.44 -22.74
N GLU B 246 4.75 -1.74 -23.98
CA GLU B 246 4.32 -0.72 -24.92
C GLU B 246 3.12 0.06 -24.39
N ILE B 247 2.21 -0.65 -23.71
CA ILE B 247 1.03 -0.01 -23.16
C ILE B 247 1.35 0.84 -21.94
N LEU B 248 2.20 0.31 -21.05
CA LEU B 248 2.58 1.05 -19.84
C LEU B 248 3.39 2.29 -20.25
N GLU B 249 4.15 2.17 -21.33
CA GLU B 249 4.97 3.26 -21.81
C GLU B 249 4.11 4.42 -22.29
N ALA B 250 2.99 4.10 -22.93
CA ALA B 250 2.08 5.11 -23.47
C ALA B 250 1.14 5.68 -22.41
N MET B 251 0.87 4.91 -21.37
CA MET B 251 -0.01 5.35 -20.29
C MET B 251 0.61 6.48 -19.48
N PRO B 252 -0.18 7.51 -19.17
CA PRO B 252 0.35 8.63 -18.39
C PRO B 252 0.48 8.23 -16.92
N PRO B 253 1.40 8.84 -16.19
CA PRO B 253 1.56 8.49 -14.78
C PRO B 253 0.26 8.63 -13.99
N PHE B 254 0.14 7.87 -12.91
CA PHE B 254 -1.04 7.90 -12.06
C PHE B 254 -0.69 8.76 -10.85
N PHE B 255 -0.06 8.16 -9.84
CA PHE B 255 0.35 8.91 -8.66
C PHE B 255 1.58 9.73 -9.01
N GLY B 256 1.69 10.92 -8.43
CA GLY B 256 2.84 11.75 -8.67
C GLY B 256 3.58 11.95 -7.36
N GLY B 257 4.89 12.14 -7.43
CA GLY B 257 5.66 12.36 -6.22
C GLY B 257 7.09 11.86 -6.33
N GLY B 258 7.72 11.67 -5.18
CA GLY B 258 9.09 11.19 -5.20
C GLY B 258 9.19 9.82 -5.83
N GLU B 259 10.39 9.46 -6.27
CA GLU B 259 10.66 8.16 -6.87
C GLU B 259 10.14 7.90 -8.28
N MET B 260 9.01 8.49 -8.66
CA MET B 260 8.49 8.25 -10.02
C MET B 260 8.92 9.28 -11.06
N ILE B 261 9.64 10.30 -10.63
CA ILE B 261 10.11 11.35 -11.53
C ILE B 261 11.55 11.13 -11.97
N ALA B 262 11.97 11.91 -12.97
CA ALA B 262 13.34 11.88 -13.46
C ALA B 262 13.91 13.20 -12.97
N GLU B 263 13.17 14.28 -13.23
CA GLU B 263 13.56 15.62 -12.79
C GLU B 263 12.32 16.39 -12.39
N VAL B 264 12.48 17.30 -11.44
CA VAL B 264 11.36 18.13 -11.01
C VAL B 264 11.82 19.57 -10.99
N PHE B 265 11.03 20.44 -11.61
CA PHE B 265 11.32 21.86 -11.66
C PHE B 265 10.09 22.52 -11.05
N PHE B 266 10.16 23.82 -10.78
CA PHE B 266 9.01 24.49 -10.21
C PHE B 266 7.82 24.48 -11.16
N ASP B 267 8.07 24.49 -12.46
CA ASP B 267 6.98 24.55 -13.43
C ASP B 267 6.52 23.26 -14.11
N HIS B 268 7.24 22.17 -13.88
CA HIS B 268 6.86 20.89 -14.48
C HIS B 268 7.78 19.80 -13.97
N PHE B 269 7.46 18.55 -14.30
CA PHE B 269 8.29 17.43 -13.91
C PHE B 269 8.41 16.49 -15.08
N THR B 270 9.40 15.61 -15.05
CA THR B 270 9.57 14.61 -16.09
C THR B 270 9.44 13.27 -15.38
N THR B 271 8.87 12.30 -16.07
CA THR B 271 8.67 10.98 -15.47
C THR B 271 9.85 10.03 -15.61
N GLY B 272 10.01 9.16 -14.62
CA GLY B 272 11.08 8.20 -14.67
C GLY B 272 10.70 7.11 -15.66
N GLU B 273 11.64 6.22 -15.96
CA GLU B 273 11.38 5.12 -16.90
C GLU B 273 10.57 4.05 -16.20
N LEU B 274 10.04 3.11 -16.99
CA LEU B 274 9.28 2.01 -16.42
C LEU B 274 10.25 1.18 -15.60
N PRO B 275 9.77 0.55 -14.51
CA PRO B 275 8.40 0.59 -14.01
C PRO B 275 8.22 1.71 -12.99
N HIS B 276 9.33 2.38 -12.67
CA HIS B 276 9.36 3.47 -11.70
C HIS B 276 8.32 4.56 -11.96
N LYS B 277 7.99 4.76 -13.23
CA LYS B 277 7.00 5.76 -13.62
C LYS B 277 5.71 5.64 -12.81
N PHE B 278 5.33 4.41 -12.46
CA PHE B 278 4.09 4.19 -11.73
C PHE B 278 4.18 3.91 -10.24
N GLU B 279 5.36 4.05 -9.66
CA GLU B 279 5.53 3.79 -8.24
C GLU B 279 5.99 5.07 -7.56
N ALA B 280 5.04 5.77 -6.94
CA ALA B 280 5.29 7.03 -6.27
C ALA B 280 5.51 6.88 -4.77
N GLY B 281 6.52 7.60 -4.26
CA GLY B 281 6.82 7.55 -2.84
C GLY B 281 7.59 6.31 -2.44
N THR B 282 7.93 6.24 -1.16
CA THR B 282 8.67 5.10 -0.63
C THR B 282 7.82 3.85 -0.81
N PRO B 283 8.36 2.82 -1.48
CA PRO B 283 7.58 1.61 -1.67
C PRO B 283 7.46 0.76 -0.41
N ALA B 284 6.69 -0.32 -0.51
CA ALA B 284 6.53 -1.25 0.59
C ALA B 284 7.70 -2.20 0.37
N ILE B 285 8.89 -1.72 0.74
CA ILE B 285 10.15 -2.44 0.58
C ILE B 285 10.19 -3.85 1.17
N ALA B 286 10.03 -3.94 2.49
CA ALA B 286 10.06 -5.24 3.17
C ALA B 286 9.02 -6.19 2.60
N GLU B 287 7.83 -5.67 2.36
CA GLU B 287 6.72 -6.46 1.86
C GLU B 287 6.97 -7.01 0.45
N ALA B 288 7.66 -6.23 -0.38
CA ALA B 288 7.98 -6.67 -1.73
C ALA B 288 9.02 -7.79 -1.65
N ILE B 289 9.98 -7.62 -0.74
CA ILE B 289 11.01 -8.62 -0.55
C ILE B 289 10.35 -9.91 -0.06
N ALA B 290 9.32 -9.76 0.77
CA ALA B 290 8.59 -10.92 1.28
C ALA B 290 7.81 -11.57 0.15
N LEU B 291 7.29 -10.77 -0.77
CA LEU B 291 6.54 -11.30 -1.91
C LEU B 291 7.51 -12.14 -2.75
N GLY B 292 8.75 -11.68 -2.83
CA GLY B 292 9.75 -12.41 -3.59
C GLY B 292 9.97 -13.78 -2.96
N ALA B 293 9.98 -13.83 -1.64
CA ALA B 293 10.16 -15.09 -0.94
C ALA B 293 8.95 -15.99 -1.16
N ALA B 294 7.77 -15.38 -1.25
CA ALA B 294 6.54 -16.13 -1.48
C ALA B 294 6.60 -16.77 -2.85
N VAL B 295 7.01 -15.99 -3.85
CA VAL B 295 7.14 -16.50 -5.21
C VAL B 295 8.14 -17.65 -5.27
N ASP B 296 9.29 -17.50 -4.60
CA ASP B 296 10.29 -18.56 -4.60
C ASP B 296 9.75 -19.83 -3.95
N TYR B 297 9.04 -19.66 -2.84
CA TYR B 297 8.45 -20.77 -2.10
C TYR B 297 7.48 -21.54 -3.00
N LEU B 298 6.59 -20.81 -3.65
CA LEU B 298 5.61 -21.40 -4.55
C LEU B 298 6.27 -22.06 -5.74
N THR B 299 7.25 -21.38 -6.32
CA THR B 299 7.96 -21.92 -7.48
C THR B 299 8.70 -23.21 -7.11
N ASP B 300 9.23 -23.26 -5.89
CA ASP B 300 9.94 -24.44 -5.43
C ASP B 300 8.97 -25.62 -5.36
N LEU B 301 7.75 -25.37 -4.90
CA LEU B 301 6.76 -26.43 -4.85
C LEU B 301 6.32 -26.77 -6.28
N GLY B 302 6.14 -25.73 -7.09
CA GLY B 302 5.73 -25.91 -8.46
C GLY B 302 4.24 -25.64 -8.60
N MET B 303 3.87 -24.62 -9.37
CA MET B 303 2.47 -24.28 -9.55
C MET B 303 1.66 -25.43 -10.16
N GLU B 304 2.29 -26.22 -11.02
CA GLU B 304 1.60 -27.35 -11.63
C GLU B 304 1.32 -28.43 -10.57
N ASN B 305 2.24 -28.59 -9.64
CA ASN B 305 2.06 -29.57 -8.56
C ASN B 305 0.99 -29.08 -7.60
N ILE B 306 1.01 -27.78 -7.32
CA ILE B 306 0.02 -27.19 -6.43
C ILE B 306 -1.36 -27.40 -7.07
N HIS B 307 -1.45 -27.10 -8.36
CA HIS B 307 -2.69 -27.26 -9.08
C HIS B 307 -3.17 -28.70 -9.08
N ASN B 308 -2.27 -29.63 -9.38
CA ASN B 308 -2.64 -31.05 -9.41
C ASN B 308 -3.22 -31.49 -8.08
N TYR B 309 -2.59 -31.08 -6.99
CA TYR B 309 -3.07 -31.46 -5.66
C TYR B 309 -4.43 -30.84 -5.37
N GLU B 310 -4.60 -29.57 -5.72
CA GLU B 310 -5.86 -28.88 -5.49
C GLU B 310 -6.99 -29.52 -6.27
N VAL B 311 -6.69 -30.02 -7.47
CA VAL B 311 -7.73 -30.66 -8.28
C VAL B 311 -8.20 -31.90 -7.53
N GLU B 312 -7.25 -32.63 -6.95
CA GLU B 312 -7.60 -33.83 -6.20
C GLU B 312 -8.54 -33.47 -5.05
N LEU B 313 -8.19 -32.44 -4.29
CA LEU B 313 -9.01 -32.02 -3.16
C LEU B 313 -10.36 -31.48 -3.63
N THR B 314 -10.39 -30.86 -4.80
CA THR B 314 -11.62 -30.30 -5.33
C THR B 314 -12.66 -31.36 -5.67
N HIS B 315 -12.22 -32.46 -6.28
CA HIS B 315 -13.17 -33.54 -6.58
C HIS B 315 -13.68 -34.11 -5.27
N TYR B 316 -12.78 -34.25 -4.31
CA TYR B 316 -13.13 -34.80 -3.00
C TYR B 316 -14.18 -33.90 -2.33
N LEU B 317 -13.94 -32.60 -2.35
CA LEU B 317 -14.85 -31.63 -1.74
C LEU B 317 -16.21 -31.65 -2.41
N TRP B 318 -16.23 -31.60 -3.73
CA TRP B 318 -17.50 -31.57 -4.45
C TRP B 318 -18.28 -32.87 -4.38
N GLN B 319 -17.59 -34.00 -4.38
CA GLN B 319 -18.27 -35.28 -4.26
C GLN B 319 -18.95 -35.30 -2.89
N GLY B 320 -18.23 -34.86 -1.86
CA GLY B 320 -18.79 -34.83 -0.52
C GLY B 320 -19.96 -33.88 -0.37
N LEU B 321 -19.81 -32.66 -0.89
CA LEU B 321 -20.89 -31.68 -0.80
C LEU B 321 -22.09 -32.05 -1.66
N GLY B 322 -21.81 -32.60 -2.84
CA GLY B 322 -22.89 -32.98 -3.74
C GLY B 322 -23.77 -34.05 -3.16
N GLN B 323 -23.26 -34.76 -2.16
CA GLN B 323 -24.01 -35.83 -1.53
C GLN B 323 -24.78 -35.42 -0.27
N ILE B 324 -24.87 -34.11 -0.06
CA ILE B 324 -25.64 -33.53 1.05
C ILE B 324 -26.83 -32.88 0.35
N PRO B 325 -28.01 -33.53 0.39
CA PRO B 325 -29.24 -33.05 -0.25
C PRO B 325 -29.73 -31.64 0.01
N GLN B 326 -29.47 -31.09 1.19
CA GLN B 326 -29.93 -29.74 1.51
C GLN B 326 -29.15 -28.63 0.78
N LEU B 327 -28.01 -28.98 0.18
CA LEU B 327 -27.16 -28.00 -0.49
C LEU B 327 -27.40 -27.64 -1.95
N ARG B 328 -27.14 -26.38 -2.25
CA ARG B 328 -27.23 -25.83 -3.60
C ARG B 328 -25.82 -25.30 -3.87
N LEU B 329 -25.11 -25.95 -4.78
CA LEU B 329 -23.74 -25.55 -5.12
C LEU B 329 -23.73 -24.62 -6.32
N TYR B 330 -22.87 -23.60 -6.27
CA TYR B 330 -22.79 -22.64 -7.37
C TYR B 330 -21.53 -22.83 -8.19
N GLY B 331 -21.65 -22.64 -9.49
CA GLY B 331 -20.50 -22.80 -10.36
C GLY B 331 -20.40 -24.19 -10.94
N PRO B 332 -19.43 -24.43 -11.83
CA PRO B 332 -19.24 -25.73 -12.46
C PRO B 332 -18.71 -26.83 -11.57
N ASN B 333 -19.25 -28.03 -11.75
CA ASN B 333 -18.80 -29.20 -11.00
C ASN B 333 -17.40 -29.47 -11.53
N PRO B 334 -16.48 -29.96 -10.67
CA PRO B 334 -15.14 -30.22 -11.19
C PRO B 334 -15.11 -31.27 -12.31
N LYS B 335 -16.21 -32.01 -12.45
CA LYS B 335 -16.29 -33.01 -13.51
C LYS B 335 -16.97 -32.43 -14.75
N HIS B 336 -17.32 -31.14 -14.68
CA HIS B 336 -17.89 -30.42 -15.83
C HIS B 336 -16.64 -29.87 -16.52
N GLY B 337 -15.71 -29.39 -15.69
CA GLY B 337 -14.46 -28.84 -16.18
C GLY B 337 -13.58 -28.38 -15.04
N ASP B 338 -12.29 -28.19 -15.32
CA ASP B 338 -11.34 -27.74 -14.32
C ASP B 338 -11.90 -26.48 -13.66
N ARG B 339 -11.78 -26.39 -12.34
CA ARG B 339 -12.28 -25.24 -11.58
C ARG B 339 -11.38 -24.93 -10.39
N ALA B 340 -11.73 -23.89 -9.64
CA ALA B 340 -10.97 -23.49 -8.47
C ALA B 340 -11.24 -24.46 -7.32
N ALA B 341 -10.27 -24.55 -6.41
CA ALA B 341 -10.39 -25.44 -5.25
C ALA B 341 -11.23 -24.78 -4.16
N LEU B 342 -12.50 -24.55 -4.47
CA LEU B 342 -13.40 -23.94 -3.51
C LEU B 342 -14.82 -24.33 -3.88
N ALA B 343 -15.76 -24.02 -2.98
CA ALA B 343 -17.15 -24.32 -3.24
C ALA B 343 -18.02 -23.31 -2.50
N SER B 344 -18.85 -22.59 -3.25
CA SER B 344 -19.77 -21.64 -2.67
C SER B 344 -21.10 -22.38 -2.71
N PHE B 345 -21.90 -22.26 -1.67
CA PHE B 345 -23.17 -22.96 -1.63
C PHE B 345 -24.11 -22.36 -0.60
N ASN B 346 -25.34 -22.86 -0.60
CA ASN B 346 -26.33 -22.42 0.38
C ASN B 346 -27.09 -23.64 0.85
N VAL B 347 -27.45 -23.65 2.13
CA VAL B 347 -28.20 -24.75 2.72
C VAL B 347 -29.68 -24.35 2.72
N ALA B 348 -30.52 -25.21 2.15
CA ALA B 348 -31.95 -24.94 2.07
C ALA B 348 -32.54 -24.46 3.39
N GLY B 349 -33.20 -23.30 3.35
CA GLY B 349 -33.84 -22.75 4.52
C GLY B 349 -32.91 -22.23 5.62
N LEU B 350 -31.63 -22.14 5.32
CA LEU B 350 -30.66 -21.68 6.32
C LEU B 350 -29.78 -20.56 5.75
N HIS B 351 -29.58 -19.51 6.53
CA HIS B 351 -28.75 -18.40 6.09
C HIS B 351 -27.29 -18.81 6.21
N ALA B 352 -26.49 -18.45 5.21
CA ALA B 352 -25.08 -18.80 5.18
C ALA B 352 -24.33 -18.38 6.44
N SER B 353 -24.69 -17.23 7.00
CA SER B 353 -24.04 -16.73 8.21
C SER B 353 -24.20 -17.71 9.37
N ASP B 354 -25.38 -18.31 9.49
CA ASP B 354 -25.59 -19.27 10.57
C ASP B 354 -24.75 -20.53 10.33
N VAL B 355 -24.57 -20.89 9.06
CA VAL B 355 -23.77 -22.06 8.74
C VAL B 355 -22.31 -21.82 9.11
N ALA B 356 -21.78 -20.68 8.70
CA ALA B 356 -20.39 -20.34 8.99
C ALA B 356 -20.16 -20.22 10.50
N THR B 357 -21.09 -19.58 11.18
CA THR B 357 -20.98 -19.42 12.63
C THR B 357 -20.94 -20.78 13.33
N MET B 358 -21.80 -21.71 12.89
CA MET B 358 -21.85 -23.02 13.51
C MET B 358 -20.62 -23.90 13.25
N VAL B 359 -20.13 -23.96 12.00
CA VAL B 359 -18.96 -24.81 11.76
C VAL B 359 -17.75 -24.25 12.48
N ASP B 360 -17.76 -22.95 12.76
CA ASP B 360 -16.66 -22.32 13.48
C ASP B 360 -16.59 -22.91 14.89
N GLN B 361 -17.73 -23.41 15.38
CA GLN B 361 -17.77 -24.02 16.70
C GLN B 361 -16.98 -25.32 16.71
N ASP B 362 -16.76 -25.87 15.52
CA ASP B 362 -15.97 -27.10 15.35
C ASP B 362 -14.57 -26.69 14.90
N GLY B 363 -14.29 -25.39 14.98
CA GLY B 363 -12.99 -24.87 14.59
C GLY B 363 -12.81 -24.66 13.11
N ILE B 364 -13.87 -24.90 12.34
CA ILE B 364 -13.81 -24.75 10.88
C ILE B 364 -14.02 -23.30 10.46
N ALA B 365 -13.11 -22.80 9.63
CA ALA B 365 -13.18 -21.43 9.16
C ALA B 365 -13.60 -21.32 7.70
N ILE B 366 -14.83 -20.85 7.46
CA ILE B 366 -15.33 -20.64 6.11
C ILE B 366 -15.93 -19.23 6.09
N ARG B 367 -16.35 -18.77 4.92
CA ARG B 367 -16.90 -17.43 4.80
C ARG B 367 -18.36 -17.41 4.36
N SER B 368 -19.11 -16.42 4.81
CA SER B 368 -20.50 -16.24 4.43
C SER B 368 -20.58 -14.81 3.86
N GLY B 369 -21.62 -14.52 3.11
CA GLY B 369 -21.73 -13.18 2.54
C GLY B 369 -21.69 -13.24 1.03
N HIS B 370 -21.54 -12.10 0.37
CA HIS B 370 -21.52 -12.07 -1.09
C HIS B 370 -20.11 -12.15 -1.70
N HIS B 371 -19.09 -12.21 -0.83
CA HIS B 371 -17.70 -12.32 -1.29
C HIS B 371 -17.34 -11.24 -2.31
N CYS B 372 -17.93 -10.07 -2.16
CA CYS B 372 -17.69 -8.96 -3.07
C CYS B 372 -18.17 -9.25 -4.48
N THR B 373 -19.21 -10.08 -4.59
CA THR B 373 -19.83 -10.38 -5.89
C THR B 373 -21.33 -10.28 -5.65
N GLN B 374 -21.76 -9.11 -5.17
CA GLN B 374 -23.16 -8.88 -4.86
C GLN B 374 -24.06 -9.00 -6.09
N PRO B 375 -23.71 -8.35 -7.21
CA PRO B 375 -24.56 -8.46 -8.39
C PRO B 375 -24.78 -9.92 -8.78
N LEU B 376 -23.70 -10.71 -8.74
CA LEU B 376 -23.76 -12.12 -9.07
C LEU B 376 -24.75 -12.86 -8.16
N HIS B 377 -24.66 -12.62 -6.86
CA HIS B 377 -25.57 -13.30 -5.94
C HIS B 377 -27.03 -12.96 -6.18
N ARG B 378 -27.30 -11.75 -6.68
CA ARG B 378 -28.70 -11.38 -6.95
C ARG B 378 -29.27 -12.26 -8.07
N LEU B 379 -28.42 -12.74 -8.96
CA LEU B 379 -28.85 -13.60 -10.06
C LEU B 379 -29.31 -14.96 -9.55
N PHE B 380 -28.83 -15.34 -8.37
CA PHE B 380 -29.24 -16.61 -7.78
C PHE B 380 -30.25 -16.30 -6.67
N ASP B 381 -30.75 -15.07 -6.65
CA ASP B 381 -31.69 -14.64 -5.63
C ASP B 381 -31.15 -14.99 -4.25
N ALA B 382 -29.86 -14.72 -4.05
CA ALA B 382 -29.21 -15.01 -2.78
C ALA B 382 -28.55 -13.74 -2.26
N SER B 383 -28.68 -13.48 -0.96
CA SER B 383 -28.07 -12.29 -0.37
C SER B 383 -26.59 -12.58 -0.18
N GLY B 384 -26.27 -13.86 -0.12
CA GLY B 384 -24.89 -14.28 0.06
C GLY B 384 -24.83 -15.79 -0.04
N SER B 385 -23.68 -16.37 0.28
CA SER B 385 -23.50 -17.81 0.21
C SER B 385 -22.37 -18.21 1.14
N ALA B 386 -22.29 -19.50 1.45
CA ALA B 386 -21.23 -20.02 2.31
C ALA B 386 -20.15 -20.50 1.37
N ARG B 387 -18.89 -20.23 1.70
CA ARG B 387 -17.81 -20.65 0.83
C ARG B 387 -16.63 -21.24 1.55
N ALA B 388 -16.28 -22.47 1.16
CA ALA B 388 -15.12 -23.16 1.72
C ALA B 388 -14.10 -23.09 0.58
N SER B 389 -12.94 -22.52 0.86
CA SER B 389 -11.89 -22.37 -0.14
C SER B 389 -10.59 -22.95 0.38
N LEU B 390 -9.96 -23.79 -0.44
CA LEU B 390 -8.74 -24.49 -0.06
C LEU B 390 -7.45 -23.94 -0.62
N TYR B 391 -6.34 -24.46 -0.09
CA TYR B 391 -5.00 -24.12 -0.57
C TYR B 391 -4.19 -25.41 -0.41
N PHE B 392 -2.94 -25.39 -0.86
CA PHE B 392 -2.14 -26.62 -0.84
C PHE B 392 -1.79 -27.22 0.52
N TYR B 393 -2.04 -26.49 1.61
CA TYR B 393 -1.76 -27.03 2.94
C TYR B 393 -2.97 -27.68 3.58
N ASN B 394 -4.09 -27.69 2.86
CA ASN B 394 -5.31 -28.32 3.36
C ASN B 394 -5.31 -29.81 3.00
N THR B 395 -6.09 -30.59 3.74
CA THR B 395 -6.13 -32.04 3.54
C THR B 395 -7.54 -32.60 3.35
N LYS B 396 -7.60 -33.86 2.89
CA LYS B 396 -8.87 -34.53 2.70
C LYS B 396 -9.50 -34.73 4.07
N GLU B 397 -8.67 -34.96 5.08
CA GLU B 397 -9.17 -35.16 6.43
C GLU B 397 -9.91 -33.92 6.92
N GLU B 398 -9.38 -32.73 6.60
CA GLU B 398 -10.02 -31.48 6.99
C GLU B 398 -11.34 -31.32 6.26
N ILE B 399 -11.38 -31.75 5.00
CA ILE B 399 -12.60 -31.66 4.22
C ILE B 399 -13.66 -32.54 4.88
N ASP B 400 -13.25 -33.72 5.34
CA ASP B 400 -14.18 -34.63 5.99
C ASP B 400 -14.71 -34.02 7.29
N LEU B 401 -13.83 -33.34 8.03
CA LEU B 401 -14.26 -32.72 9.28
C LEU B 401 -15.27 -31.63 8.96
N PHE B 402 -15.03 -30.92 7.87
CA PHE B 402 -15.93 -29.86 7.42
C PHE B 402 -17.30 -30.45 7.05
N LEU B 403 -17.28 -31.52 6.25
CA LEU B 403 -18.52 -32.17 5.84
C LEU B 403 -19.31 -32.66 7.04
N GLN B 404 -18.62 -33.24 8.01
CA GLN B 404 -19.29 -33.75 9.21
C GLN B 404 -19.93 -32.61 10.01
N SER B 405 -19.22 -31.49 10.09
CA SER B 405 -19.71 -30.33 10.82
C SER B 405 -20.91 -29.73 10.10
N LEU B 406 -20.87 -29.73 8.77
CA LEU B 406 -21.97 -29.20 7.98
C LEU B 406 -23.22 -30.06 8.16
N GLN B 407 -23.04 -31.38 8.14
CA GLN B 407 -24.16 -32.29 8.33
C GLN B 407 -24.76 -32.10 9.73
N ALA B 408 -23.89 -31.90 10.72
CA ALA B 408 -24.33 -31.69 12.10
C ALA B 408 -25.12 -30.39 12.20
N THR B 409 -24.63 -29.37 11.51
CA THR B 409 -25.29 -28.07 11.50
C THR B 409 -26.70 -28.19 10.92
N ILE B 410 -26.82 -28.93 9.82
CA ILE B 410 -28.12 -29.13 9.20
C ILE B 410 -29.06 -29.82 10.19
N ARG B 411 -28.54 -30.79 10.94
CA ARG B 411 -29.36 -31.50 11.93
C ARG B 411 -29.85 -30.53 13.01
N PHE B 412 -28.95 -29.67 13.47
CA PHE B 412 -29.26 -28.68 14.49
C PHE B 412 -30.48 -27.83 14.11
N PHE B 413 -30.48 -27.32 12.89
CA PHE B 413 -31.56 -26.47 12.42
C PHE B 413 -32.77 -27.19 11.81
N SER B 414 -32.81 -28.52 11.90
CA SER B 414 -33.94 -29.25 11.35
C SER B 414 -34.96 -29.56 12.45
#